data_4YIF
#
_entry.id   4YIF
#
_cell.length_a   54.970
_cell.length_b   69.600
_cell.length_c   70.320
_cell.angle_alpha   103.71
_cell.angle_beta   111.06
_cell.angle_gamma   105.83
#
_symmetry.space_group_name_H-M   'P 1'
#
loop_
_entity.id
_entity.type
_entity.pdbx_description
1 polymer 'MarR family protein Rv0880'
2 water water
#
_entity_poly.entity_id   1
_entity_poly.type   'polypeptide(L)'
_entity_poly.pdbx_seq_one_letter_code
;MGSSHHHHHHSSGLVPRGSHMVLDSDARLASDLSLAVMRLSRQLRFRNPSSPVSLSQLSALTTLANEGAMTPGALAIRER
VRPPSMTRVIASLADMGFVDRAPHPIDGRQVLVSVSESGAELVKAARRARQEWLAERLATLNRSERDILRSAADLMLALV
DESP
;
_entity_poly.pdbx_strand_id   A,B,C,D,E,F
#
# COMPACT_ATOMS: atom_id res chain seq x y z
N SER A 25 8.52 4.36 21.02
CA SER A 25 8.92 4.91 19.73
C SER A 25 8.76 3.87 18.63
N ASP A 26 8.73 2.59 19.01
CA ASP A 26 8.47 1.55 18.03
C ASP A 26 6.98 1.54 17.72
N ALA A 27 6.22 2.19 18.60
CA ALA A 27 4.79 2.39 18.39
C ALA A 27 4.61 3.31 17.19
N ARG A 28 5.39 4.39 17.17
CA ARG A 28 5.31 5.36 16.08
C ARG A 28 5.93 4.79 14.80
N LEU A 29 6.77 3.75 14.92
CA LEU A 29 7.34 3.15 13.72
C LEU A 29 6.29 2.30 13.03
N ALA A 30 5.38 1.71 13.80
CA ALA A 30 4.33 0.89 13.21
C ALA A 30 3.34 1.81 12.52
N SER A 31 3.04 2.93 13.18
CA SER A 31 2.14 3.94 12.63
C SER A 31 2.68 4.59 11.35
N ASP A 32 3.91 5.08 11.39
CA ASP A 32 4.49 5.78 10.25
C ASP A 32 4.75 4.87 9.06
N LEU A 33 5.24 3.66 9.33
CA LEU A 33 5.54 2.73 8.25
C LEU A 33 4.25 2.28 7.55
N SER A 34 3.22 1.98 8.33
CA SER A 34 1.93 1.63 7.75
C SER A 34 1.38 2.77 6.88
N LEU A 35 1.41 3.98 7.43
CA LEU A 35 0.95 5.16 6.71
C LEU A 35 1.68 5.33 5.39
N ALA A 36 3.01 5.24 5.46
CA ALA A 36 3.86 5.38 4.29
C ALA A 36 3.54 4.35 3.20
N VAL A 37 3.41 3.10 3.61
CA VAL A 37 3.12 2.01 2.67
C VAL A 37 1.71 2.11 2.09
N MET A 38 0.74 2.52 2.91
CA MET A 38 -0.62 2.73 2.42
C MET A 38 -0.67 3.87 1.39
N ARG A 39 0.02 4.96 1.68
CA ARG A 39 0.01 6.11 0.76
C ARG A 39 0.78 5.83 -0.53
N LEU A 40 1.96 5.21 -0.41
CA LEU A 40 2.78 4.94 -1.58
C LEU A 40 2.16 3.89 -2.48
N SER A 41 1.60 2.84 -1.88
CA SER A 41 0.94 1.81 -2.68
C SER A 41 -0.25 2.44 -3.39
N ARG A 42 -0.91 3.38 -2.74
CA ARG A 42 -2.01 4.13 -3.37
C ARG A 42 -1.53 4.84 -4.63
N GLN A 43 -0.39 5.55 -4.55
CA GLN A 43 0.16 6.22 -5.73
C GLN A 43 0.60 5.27 -6.84
N LEU A 44 1.13 4.10 -6.46
CA LEU A 44 1.60 3.16 -7.47
C LEU A 44 0.44 2.49 -8.15
N ARG A 45 -0.66 2.37 -7.40
CA ARG A 45 -1.87 1.72 -7.86
C ARG A 45 -2.46 2.56 -8.97
N PHE A 46 -2.41 3.87 -8.74
CA PHE A 46 -2.93 4.86 -9.65
C PHE A 46 -2.19 4.93 -10.99
N ARG A 47 -1.04 4.25 -11.07
CA ARG A 47 -0.23 4.20 -12.29
C ARG A 47 -0.52 2.95 -13.10
N ASN A 48 -1.45 2.14 -12.64
CA ASN A 48 -1.88 0.98 -13.41
C ASN A 48 -2.61 1.50 -14.63
N PRO A 49 -2.24 0.98 -15.81
CA PRO A 49 -2.78 1.53 -17.06
C PRO A 49 -4.27 1.31 -17.10
N SER A 50 -5.01 2.20 -17.78
CA SER A 50 -6.45 2.06 -17.83
C SER A 50 -6.78 0.71 -18.46
N SER A 51 -7.77 0.03 -17.90
CA SER A 51 -8.05 -1.34 -18.28
C SER A 51 -9.50 -1.70 -17.96
N PRO A 52 -10.01 -2.80 -18.53
CA PRO A 52 -11.37 -3.13 -18.12
C PRO A 52 -11.47 -3.94 -16.84
N VAL A 53 -10.50 -3.84 -15.93
CA VAL A 53 -10.62 -4.59 -14.69
C VAL A 53 -10.60 -3.70 -13.47
N SER A 54 -11.41 -4.10 -12.48
CA SER A 54 -11.47 -3.43 -11.20
C SER A 54 -10.24 -3.79 -10.38
N LEU A 55 -10.06 -3.13 -9.25
CA LEU A 55 -8.95 -3.47 -8.36
C LEU A 55 -9.04 -4.91 -7.86
N SER A 56 -10.25 -5.37 -7.51
CA SER A 56 -10.38 -6.74 -7.00
C SER A 56 -10.09 -7.76 -8.10
N GLN A 57 -10.56 -7.48 -9.31
CA GLN A 57 -10.31 -8.37 -10.45
C GLN A 57 -8.82 -8.43 -10.78
N LEU A 58 -8.16 -7.27 -10.75
CA LEU A 58 -6.73 -7.21 -11.02
C LEU A 58 -5.94 -8.01 -9.99
N SER A 59 -6.33 -7.87 -8.73
CA SER A 59 -5.66 -8.56 -7.64
C SER A 59 -5.75 -10.09 -7.81
N ALA A 60 -6.94 -10.58 -8.16
CA ALA A 60 -7.12 -12.00 -8.40
C ALA A 60 -6.29 -12.46 -9.59
N LEU A 61 -6.29 -11.65 -10.65
CA LEU A 61 -5.52 -11.96 -11.84
C LEU A 61 -4.03 -12.00 -11.56
N THR A 62 -3.57 -11.04 -10.76
CA THR A 62 -2.16 -10.91 -10.41
C THR A 62 -1.68 -12.10 -9.57
N THR A 63 -2.50 -12.47 -8.60
CA THR A 63 -2.24 -13.63 -7.76
C THR A 63 -2.19 -14.88 -8.63
N LEU A 64 -3.16 -15.00 -9.52
CA LEU A 64 -3.22 -16.12 -10.43
C LEU A 64 -1.99 -16.18 -11.35
N ALA A 65 -1.54 -15.01 -11.81
CA ALA A 65 -0.43 -14.98 -12.74
C ALA A 65 0.90 -15.31 -12.06
N ASN A 66 1.10 -14.72 -10.88
CA ASN A 66 2.37 -14.85 -10.16
C ASN A 66 2.51 -16.13 -9.35
N GLU A 67 1.39 -16.68 -8.87
CA GLU A 67 1.43 -17.84 -7.98
C GLU A 67 0.97 -19.10 -8.70
N GLY A 68 0.30 -18.91 -9.83
CA GLY A 68 -0.08 -20.02 -10.69
C GLY A 68 -1.51 -20.49 -10.57
N ALA A 69 -1.85 -21.47 -11.41
CA ALA A 69 -3.18 -22.06 -11.46
C ALA A 69 -3.67 -22.52 -10.09
N MET A 70 -4.94 -22.25 -9.82
CA MET A 70 -5.59 -22.72 -8.59
C MET A 70 -7.05 -22.97 -8.85
N THR A 71 -7.68 -23.59 -7.85
CA THR A 71 -9.11 -23.80 -7.88
C THR A 71 -9.77 -22.51 -7.43
N PRO A 72 -11.04 -22.29 -7.79
CA PRO A 72 -11.73 -21.08 -7.33
C PRO A 72 -11.70 -20.94 -5.81
N GLY A 73 -11.85 -22.05 -5.11
CA GLY A 73 -11.82 -22.03 -3.66
C GLY A 73 -10.48 -21.59 -3.12
N ALA A 74 -9.40 -22.07 -3.73
CA ALA A 74 -8.06 -21.69 -3.32
C ALA A 74 -7.79 -20.21 -3.60
N LEU A 75 -8.23 -19.74 -4.76
CA LEU A 75 -8.05 -18.33 -5.12
C LEU A 75 -8.78 -17.42 -4.13
N ALA A 76 -9.99 -17.81 -3.73
CA ALA A 76 -10.77 -17.05 -2.76
C ALA A 76 -10.05 -16.95 -1.41
N ILE A 77 -9.46 -18.06 -0.98
CA ILE A 77 -8.71 -18.09 0.28
C ILE A 77 -7.51 -17.17 0.18
N ARG A 78 -6.83 -17.26 -0.95
CA ARG A 78 -5.65 -16.45 -1.21
C ARG A 78 -5.98 -14.96 -1.24
N GLU A 79 -7.15 -14.63 -1.79
CA GLU A 79 -7.57 -13.24 -1.91
C GLU A 79 -8.32 -12.72 -0.69
N ARG A 80 -8.71 -13.63 0.19
CA ARG A 80 -9.43 -13.30 1.41
C ARG A 80 -10.77 -12.63 1.08
N VAL A 81 -11.45 -13.16 0.06
CA VAL A 81 -12.80 -12.72 -0.25
C VAL A 81 -13.71 -13.93 -0.14
N ARG A 82 -14.99 -13.68 0.14
CA ARG A 82 -15.92 -14.78 0.31
C ARG A 82 -16.21 -15.40 -1.06
N PRO A 83 -16.36 -16.72 -1.10
CA PRO A 83 -16.52 -17.47 -2.36
C PRO A 83 -17.58 -16.90 -3.27
N PRO A 84 -18.72 -16.42 -2.72
CA PRO A 84 -19.58 -15.89 -3.78
C PRO A 84 -18.94 -14.72 -4.50
N SER A 85 -18.30 -13.79 -3.79
CA SER A 85 -17.70 -12.64 -4.47
C SER A 85 -16.66 -13.11 -5.48
N MET A 86 -15.86 -14.11 -5.11
CA MET A 86 -14.82 -14.61 -6.01
C MET A 86 -15.36 -15.26 -7.30
N THR A 87 -16.49 -15.95 -7.20
CA THR A 87 -17.10 -16.58 -8.37
C THR A 87 -17.45 -15.56 -9.45
N ARG A 88 -17.88 -14.37 -9.02
CA ARG A 88 -18.20 -13.32 -9.99
C ARG A 88 -16.95 -12.66 -10.56
N VAL A 89 -15.92 -12.49 -9.74
CA VAL A 89 -14.63 -12.03 -10.23
C VAL A 89 -14.08 -12.97 -11.30
N ILE A 90 -14.05 -14.27 -10.98
CA ILE A 90 -13.59 -15.29 -11.92
C ILE A 90 -14.43 -15.30 -13.18
N ALA A 91 -15.75 -15.23 -13.03
CA ALA A 91 -16.64 -15.20 -14.18
C ALA A 91 -16.35 -13.99 -15.06
N SER A 92 -16.16 -12.84 -14.44
CA SER A 92 -15.87 -11.60 -15.16
C SER A 92 -14.56 -11.68 -15.94
N LEU A 93 -13.54 -12.24 -15.29
CA LEU A 93 -12.24 -12.39 -15.92
C LEU A 93 -12.31 -13.35 -17.11
N ALA A 94 -13.08 -14.42 -16.98
CA ALA A 94 -13.26 -15.37 -18.08
C ALA A 94 -13.94 -14.67 -19.24
N ASP A 95 -15.00 -13.92 -18.92
CA ASP A 95 -15.71 -13.09 -19.89
C ASP A 95 -14.77 -12.21 -20.70
N MET A 96 -13.80 -11.61 -20.02
CA MET A 96 -12.84 -10.71 -20.66
C MET A 96 -11.69 -11.47 -21.30
N GLY A 97 -11.69 -12.79 -21.16
CA GLY A 97 -10.66 -13.61 -21.76
C GLY A 97 -9.31 -13.51 -21.07
N PHE A 98 -9.30 -13.15 -19.79
CA PHE A 98 -8.04 -13.00 -19.04
C PHE A 98 -7.67 -14.25 -18.25
N VAL A 99 -8.65 -15.16 -18.11
CA VAL A 99 -8.44 -16.48 -17.52
C VAL A 99 -9.09 -17.49 -18.46
N ASP A 100 -8.51 -18.68 -18.56
CA ASP A 100 -9.05 -19.72 -19.45
C ASP A 100 -10.49 -20.15 -19.16
N ARG A 101 -10.86 -20.35 -17.90
CA ARG A 101 -12.26 -20.66 -17.63
C ARG A 101 -12.81 -20.12 -16.31
N ALA A 102 -14.08 -20.41 -16.06
CA ALA A 102 -14.74 -20.02 -14.83
C ALA A 102 -15.54 -21.22 -14.33
N PRO A 103 -14.85 -22.15 -13.65
CA PRO A 103 -15.55 -23.33 -13.14
C PRO A 103 -16.50 -22.96 -12.01
N HIS A 104 -17.61 -23.69 -11.96
CA HIS A 104 -18.61 -23.53 -10.92
C HIS A 104 -18.00 -23.90 -9.58
N PRO A 105 -18.27 -23.11 -8.53
CA PRO A 105 -17.64 -23.32 -7.22
C PRO A 105 -18.02 -24.63 -6.54
N ILE A 106 -19.02 -25.33 -7.08
CA ILE A 106 -19.40 -26.65 -6.57
C ILE A 106 -19.16 -27.65 -7.69
N ASP A 107 -19.76 -27.40 -8.84
CA ASP A 107 -19.78 -28.39 -9.89
C ASP A 107 -18.40 -28.51 -10.53
N GLY A 108 -17.62 -27.45 -10.43
CA GLY A 108 -16.23 -27.44 -10.88
C GLY A 108 -15.19 -27.30 -9.78
N ARG A 109 -15.64 -27.20 -8.54
CA ARG A 109 -14.82 -27.14 -7.33
C ARG A 109 -13.34 -27.57 -7.45
N GLN A 110 -13.09 -28.69 -8.13
CA GLN A 110 -11.74 -29.24 -8.24
C GLN A 110 -11.05 -28.87 -9.54
N VAL A 111 -11.59 -27.88 -10.25
CA VAL A 111 -10.99 -27.49 -11.52
C VAL A 111 -10.09 -26.29 -11.31
N LEU A 112 -8.96 -26.28 -12.01
CA LEU A 112 -7.97 -25.23 -11.88
C LEU A 112 -8.21 -24.13 -12.87
N VAL A 113 -8.04 -22.89 -12.40
CA VAL A 113 -8.19 -21.72 -13.24
C VAL A 113 -6.80 -21.16 -13.49
N SER A 114 -6.53 -20.70 -14.71
CA SER A 114 -5.23 -20.13 -15.00
C SER A 114 -5.38 -18.88 -15.85
N VAL A 115 -4.36 -18.02 -15.79
CA VAL A 115 -4.36 -16.81 -16.59
C VAL A 115 -4.13 -17.18 -18.05
N SER A 116 -4.80 -16.43 -18.93
CA SER A 116 -4.57 -16.54 -20.36
C SER A 116 -3.34 -15.72 -20.73
N GLU A 117 -3.00 -15.67 -22.01
CA GLU A 117 -1.87 -14.87 -22.43
C GLU A 117 -2.16 -13.38 -22.32
N SER A 118 -3.39 -12.99 -22.60
CA SER A 118 -3.77 -11.59 -22.47
C SER A 118 -3.83 -11.17 -21.00
N GLY A 119 -4.29 -12.07 -20.14
CA GLY A 119 -4.34 -11.79 -18.71
C GLY A 119 -2.97 -11.60 -18.10
N ALA A 120 -2.05 -12.51 -18.41
CA ALA A 120 -0.67 -12.41 -17.94
C ALA A 120 -0.01 -11.12 -18.44
N GLU A 121 -0.27 -10.77 -19.70
CA GLU A 121 0.27 -9.55 -20.28
C GLU A 121 -0.24 -8.30 -19.57
N LEU A 122 -1.53 -8.31 -19.20
CA LEU A 122 -2.12 -7.22 -18.43
C LEU A 122 -1.38 -7.02 -17.11
N VAL A 123 -1.12 -8.14 -16.43
CA VAL A 123 -0.40 -8.13 -15.16
C VAL A 123 1.02 -7.59 -15.33
N LYS A 124 1.71 -8.03 -16.38
CA LYS A 124 3.07 -7.56 -16.62
C LYS A 124 3.07 -6.09 -16.97
N ALA A 125 2.08 -5.65 -17.75
CA ALA A 125 1.97 -4.25 -18.15
C ALA A 125 1.76 -3.35 -16.94
N ALA A 126 0.88 -3.78 -16.03
CA ALA A 126 0.63 -3.03 -14.80
C ALA A 126 1.89 -2.94 -13.96
N ARG A 127 2.62 -4.05 -13.87
CA ARG A 127 3.84 -4.09 -13.09
C ARG A 127 4.89 -3.12 -13.63
N ARG A 128 5.04 -3.06 -14.95
CA ARG A 128 6.00 -2.14 -15.55
C ARG A 128 5.65 -0.68 -15.29
N ALA A 129 4.37 -0.35 -15.40
CA ALA A 129 3.92 1.02 -15.19
C ALA A 129 4.24 1.50 -13.78
N ARG A 130 3.99 0.64 -12.78
CA ARG A 130 4.29 0.99 -11.40
C ARG A 130 5.77 1.22 -11.14
N GLN A 131 6.60 0.28 -11.58
CA GLN A 131 8.04 0.38 -11.34
C GLN A 131 8.69 1.53 -12.12
N GLU A 132 8.21 1.80 -13.34
CA GLU A 132 8.79 2.89 -14.14
C GLU A 132 8.49 4.24 -13.53
N TRP A 133 7.27 4.44 -13.05
CA TRP A 133 6.95 5.66 -12.31
C TRP A 133 7.80 5.76 -11.04
N LEU A 134 7.92 4.65 -10.31
CA LEU A 134 8.71 4.66 -9.09
C LEU A 134 10.16 5.00 -9.37
N ALA A 135 10.70 4.46 -10.46
CA ALA A 135 12.08 4.73 -10.85
C ALA A 135 12.31 6.23 -11.07
N GLU A 136 11.32 6.89 -11.66
CA GLU A 136 11.37 8.33 -11.89
C GLU A 136 11.45 9.09 -10.57
N ARG A 137 10.66 8.63 -9.59
CA ARG A 137 10.62 9.29 -8.30
C ARG A 137 11.92 9.03 -7.52
N LEU A 138 12.42 7.81 -7.61
CA LEU A 138 13.64 7.40 -6.90
C LEU A 138 14.85 8.19 -7.39
N ALA A 139 14.81 8.58 -8.66
CA ALA A 139 15.89 9.34 -9.29
C ALA A 139 16.02 10.74 -8.69
N THR A 140 15.02 11.18 -7.94
CA THR A 140 15.08 12.49 -7.30
C THR A 140 15.78 12.42 -5.94
N LEU A 141 16.08 11.22 -5.49
CA LEU A 141 16.78 11.02 -4.22
C LEU A 141 18.29 10.90 -4.44
N ASN A 142 19.08 10.97 -3.37
CA ASN A 142 20.51 10.73 -3.50
C ASN A 142 20.83 9.25 -3.30
N ARG A 143 22.10 8.87 -3.48
CA ARG A 143 22.49 7.45 -3.42
C ARG A 143 22.30 6.84 -2.04
N SER A 144 22.56 7.61 -1.00
CA SER A 144 22.42 7.14 0.38
C SER A 144 20.96 6.79 0.69
N GLU A 145 20.06 7.66 0.24
CA GLU A 145 18.63 7.45 0.43
C GLU A 145 18.15 6.21 -0.30
N ARG A 146 18.62 6.02 -1.53
CA ARG A 146 18.26 4.82 -2.29
C ARG A 146 18.83 3.54 -1.64
N ASP A 147 20.00 3.64 -0.99
CA ASP A 147 20.57 2.51 -0.27
C ASP A 147 19.63 2.06 0.83
N ILE A 148 19.11 3.04 1.56
CA ILE A 148 18.16 2.77 2.62
C ILE A 148 16.92 2.07 2.08
N LEU A 149 16.40 2.58 0.97
CA LEU A 149 15.20 2.00 0.35
C LEU A 149 15.48 0.60 -0.17
N ARG A 150 16.71 0.38 -0.63
CA ARG A 150 17.12 -0.94 -1.08
C ARG A 150 17.08 -1.96 0.07
N SER A 151 17.64 -1.60 1.23
CA SER A 151 17.57 -2.47 2.40
C SER A 151 16.13 -2.66 2.90
N ALA A 152 15.35 -1.58 2.86
CA ALA A 152 13.95 -1.59 3.32
C ALA A 152 13.05 -2.48 2.47
N ALA A 153 13.30 -2.49 1.17
CA ALA A 153 12.53 -3.34 0.27
C ALA A 153 12.65 -4.81 0.69
N ASP A 154 13.87 -5.25 0.96
CA ASP A 154 14.11 -6.62 1.42
C ASP A 154 13.42 -6.89 2.76
N LEU A 155 13.56 -5.96 3.69
CA LEU A 155 12.95 -6.09 5.01
C LEU A 155 11.43 -6.15 4.95
N MET A 156 10.83 -5.32 4.11
CA MET A 156 9.38 -5.28 4.02
C MET A 156 8.82 -6.58 3.45
N LEU A 157 9.49 -7.14 2.45
CA LEU A 157 9.13 -8.45 1.93
C LEU A 157 9.28 -9.52 3.01
N ALA A 158 10.32 -9.39 3.83
CA ALA A 158 10.52 -10.34 4.93
C ALA A 158 9.39 -10.23 5.94
N LEU A 159 8.90 -9.01 6.17
CA LEU A 159 7.81 -8.80 7.13
C LEU A 159 6.60 -9.64 6.77
N VAL A 160 6.33 -9.79 5.47
CA VAL A 160 5.19 -10.58 5.03
C VAL A 160 5.57 -12.02 4.70
N ASP A 161 6.77 -12.44 5.13
CA ASP A 161 7.24 -13.81 4.91
C ASP A 161 7.37 -14.14 3.42
N GLU A 162 7.69 -13.15 2.60
CA GLU A 162 7.78 -13.37 1.17
C GLU A 162 9.22 -13.23 0.65
N SER A 163 10.20 -13.64 1.46
CA SER A 163 11.60 -13.59 1.03
C SER A 163 11.88 -14.74 0.06
N PRO A 164 13.01 -14.69 -0.68
CA PRO A 164 13.32 -15.78 -1.59
C PRO A 164 13.95 -17.02 -0.93
N ASP B 24 20.74 -0.05 -14.10
CA ASP B 24 20.93 -1.48 -13.92
C ASP B 24 20.34 -1.93 -12.59
N SER B 25 21.02 -1.61 -11.50
CA SER B 25 20.48 -1.87 -10.16
C SER B 25 19.48 -0.79 -9.82
N ASP B 26 19.35 0.18 -10.72
CA ASP B 26 18.38 1.25 -10.62
C ASP B 26 17.03 0.65 -10.90
N ALA B 27 16.98 -0.09 -12.00
CA ALA B 27 15.79 -0.81 -12.42
C ALA B 27 15.38 -1.82 -11.36
N ARG B 28 16.36 -2.53 -10.80
CA ARG B 28 16.04 -3.55 -9.82
C ARG B 28 15.56 -2.97 -8.50
N LEU B 29 15.95 -1.73 -8.19
CA LEU B 29 15.47 -1.12 -6.96
C LEU B 29 14.04 -0.65 -7.13
N ALA B 30 13.71 -0.19 -8.34
CA ALA B 30 12.36 0.26 -8.61
C ALA B 30 11.44 -0.95 -8.60
N SER B 31 11.92 -2.05 -9.17
CA SER B 31 11.14 -3.29 -9.19
C SER B 31 10.91 -3.84 -7.78
N ASP B 32 11.98 -3.97 -7.00
CA ASP B 32 11.90 -4.52 -5.66
C ASP B 32 11.12 -3.67 -4.67
N LEU B 33 11.33 -2.36 -4.72
CA LEU B 33 10.65 -1.45 -3.80
C LEU B 33 9.16 -1.39 -4.12
N SER B 34 8.81 -1.30 -5.40
CA SER B 34 7.41 -1.34 -5.81
C SER B 34 6.75 -2.63 -5.33
N LEU B 35 7.42 -3.75 -5.58
CA LEU B 35 6.90 -5.04 -5.13
C LEU B 35 6.69 -5.08 -3.63
N ALA B 36 7.71 -4.69 -2.88
CA ALA B 36 7.65 -4.72 -1.42
C ALA B 36 6.49 -3.89 -0.88
N VAL B 37 6.33 -2.66 -1.38
CA VAL B 37 5.27 -1.81 -0.89
C VAL B 37 3.88 -2.36 -1.30
N MET B 38 3.77 -2.91 -2.50
CA MET B 38 2.48 -3.50 -2.89
C MET B 38 2.16 -4.73 -2.05
N ARG B 39 3.16 -5.58 -1.80
CA ARG B 39 2.92 -6.81 -1.06
C ARG B 39 2.66 -6.53 0.44
N LEU B 40 3.39 -5.58 1.02
CA LEU B 40 3.15 -5.23 2.42
C LEU B 40 1.81 -4.53 2.60
N SER B 41 1.47 -3.61 1.69
CA SER B 41 0.20 -2.91 1.75
C SER B 41 -0.97 -3.87 1.58
N ARG B 42 -0.77 -4.88 0.73
CA ARG B 42 -1.79 -5.92 0.52
C ARG B 42 -2.18 -6.54 1.85
N GLN B 43 -1.19 -6.90 2.65
CA GLN B 43 -1.45 -7.47 3.97
C GLN B 43 -2.09 -6.47 4.93
N LEU B 44 -1.74 -5.19 4.82
CA LEU B 44 -2.27 -4.20 5.74
C LEU B 44 -3.73 -3.87 5.41
N ARG B 45 -4.09 -4.04 4.15
CA ARG B 45 -5.46 -3.79 3.71
C ARG B 45 -6.36 -4.90 4.24
N PHE B 46 -5.79 -6.11 4.30
CA PHE B 46 -6.44 -7.29 4.88
C PHE B 46 -6.65 -7.19 6.39
N ARG B 47 -6.30 -6.05 6.98
CA ARG B 47 -6.42 -5.87 8.43
C ARG B 47 -7.70 -5.18 8.80
N ASN B 48 -8.72 -5.42 7.98
CA ASN B 48 -10.04 -4.99 8.32
C ASN B 48 -10.53 -6.02 9.32
N PRO B 49 -10.92 -5.59 10.53
CA PRO B 49 -11.36 -6.62 11.47
C PRO B 49 -12.62 -7.19 10.85
N SER B 50 -12.90 -8.49 10.93
CA SER B 50 -14.04 -9.01 10.17
C SER B 50 -15.31 -8.27 10.56
N SER B 51 -16.14 -8.09 9.54
CA SER B 51 -16.88 -6.86 9.33
C SER B 51 -17.55 -7.01 8.02
N PRO B 52 -18.75 -6.46 7.92
CA PRO B 52 -19.33 -6.66 6.60
C PRO B 52 -18.92 -5.61 5.58
N VAL B 53 -17.66 -5.18 5.56
CA VAL B 53 -17.27 -4.26 4.50
C VAL B 53 -16.12 -4.82 3.70
N SER B 54 -16.24 -4.62 2.38
CA SER B 54 -15.24 -5.03 1.42
C SER B 54 -14.03 -4.12 1.40
N LEU B 55 -13.02 -4.52 0.65
CA LEU B 55 -11.81 -3.72 0.49
C LEU B 55 -12.15 -2.37 -0.15
N SER B 56 -13.00 -2.40 -1.17
CA SER B 56 -13.39 -1.18 -1.85
C SER B 56 -14.27 -0.29 -0.97
N GLN B 57 -15.18 -0.93 -0.22
CA GLN B 57 -16.05 -0.18 0.67
C GLN B 57 -15.26 0.54 1.76
N LEU B 58 -14.29 -0.16 2.35
CA LEU B 58 -13.46 0.44 3.39
C LEU B 58 -12.65 1.60 2.84
N SER B 59 -12.12 1.44 1.63
CA SER B 59 -11.33 2.47 0.97
C SER B 59 -12.13 3.75 0.74
N ALA B 60 -13.37 3.60 0.27
CA ALA B 60 -14.26 4.74 0.06
C ALA B 60 -14.56 5.41 1.39
N LEU B 61 -14.79 4.59 2.41
CA LEU B 61 -15.10 5.05 3.76
C LEU B 61 -13.93 5.83 4.36
N THR B 62 -12.73 5.32 4.16
CA THR B 62 -11.51 5.94 4.69
C THR B 62 -11.30 7.30 4.06
N THR B 63 -11.47 7.37 2.75
CA THR B 63 -11.36 8.62 2.03
C THR B 63 -12.39 9.63 2.53
N LEU B 64 -13.63 9.17 2.68
CA LEU B 64 -14.71 10.02 3.18
C LEU B 64 -14.42 10.52 4.59
N ALA B 65 -13.85 9.64 5.42
CA ALA B 65 -13.62 9.98 6.81
C ALA B 65 -12.49 10.99 6.95
N ASN B 66 -11.44 10.80 6.15
CA ASN B 66 -10.24 11.63 6.25
C ASN B 66 -10.40 12.97 5.54
N GLU B 67 -11.24 13.02 4.52
CA GLU B 67 -11.37 14.21 3.68
C GLU B 67 -12.69 14.97 3.91
N GLY B 68 -13.67 14.30 4.49
CA GLY B 68 -14.91 14.96 4.86
C GLY B 68 -16.00 14.75 3.83
N ALA B 69 -17.18 15.27 4.14
CA ALA B 69 -18.35 15.15 3.27
C ALA B 69 -18.08 15.58 1.83
N MET B 70 -18.58 14.79 0.89
CA MET B 70 -18.49 15.13 -0.52
C MET B 70 -19.61 14.46 -1.30
N THR B 71 -19.71 14.80 -2.58
CA THR B 71 -20.72 14.22 -3.46
C THR B 71 -20.26 12.85 -3.93
N PRO B 72 -21.20 12.00 -4.38
CA PRO B 72 -20.83 10.71 -4.96
C PRO B 72 -19.87 10.83 -6.14
N GLY B 73 -20.05 11.86 -6.96
CA GLY B 73 -19.20 12.07 -8.12
C GLY B 73 -17.75 12.37 -7.75
N ALA B 74 -17.56 13.22 -6.74
CA ALA B 74 -16.22 13.56 -6.28
C ALA B 74 -15.54 12.36 -5.66
N LEU B 75 -16.30 11.61 -4.85
CA LEU B 75 -15.78 10.40 -4.21
C LEU B 75 -15.35 9.38 -5.26
N ALA B 76 -16.17 9.24 -6.31
CA ALA B 76 -15.83 8.32 -7.38
C ALA B 76 -14.49 8.70 -7.99
N ILE B 77 -14.33 10.00 -8.19
CA ILE B 77 -13.10 10.56 -8.74
C ILE B 77 -11.92 10.33 -7.79
N ARG B 78 -12.15 10.57 -6.50
CA ARG B 78 -11.08 10.43 -5.52
C ARG B 78 -10.57 8.99 -5.47
N GLU B 79 -11.50 8.05 -5.65
CA GLU B 79 -11.17 6.63 -5.62
C GLU B 79 -10.72 6.10 -6.97
N ARG B 80 -10.89 6.90 -8.03
CA ARG B 80 -10.58 6.46 -9.40
C ARG B 80 -11.43 5.26 -9.77
N VAL B 81 -12.69 5.33 -9.38
CA VAL B 81 -13.66 4.34 -9.78
C VAL B 81 -14.75 5.09 -10.55
N ARG B 82 -15.38 4.45 -11.53
CA ARG B 82 -16.43 5.10 -12.30
C ARG B 82 -17.70 5.19 -11.48
N PRO B 83 -18.46 6.27 -11.67
CA PRO B 83 -19.65 6.57 -10.86
C PRO B 83 -20.64 5.40 -10.67
N PRO B 84 -20.93 4.58 -11.71
CA PRO B 84 -21.89 3.51 -11.40
C PRO B 84 -21.39 2.56 -10.31
N SER B 85 -20.13 2.17 -10.38
CA SER B 85 -19.56 1.31 -9.37
C SER B 85 -19.52 1.99 -8.00
N MET B 86 -19.13 3.26 -7.96
CA MET B 86 -19.06 4.00 -6.69
C MET B 86 -20.45 4.25 -6.09
N THR B 87 -21.45 4.50 -6.94
CA THR B 87 -22.82 4.67 -6.44
C THR B 87 -23.32 3.42 -5.72
N ARG B 88 -22.88 2.24 -6.18
CA ARG B 88 -23.25 0.99 -5.53
C ARG B 88 -22.49 0.79 -4.21
N VAL B 89 -21.22 1.20 -4.18
CA VAL B 89 -20.44 1.18 -2.94
C VAL B 89 -21.10 2.07 -1.89
N ILE B 90 -21.44 3.28 -2.29
CA ILE B 90 -22.10 4.23 -1.41
C ILE B 90 -23.42 3.68 -0.87
N ALA B 91 -24.22 3.11 -1.75
CA ALA B 91 -25.50 2.52 -1.35
C ALA B 91 -25.30 1.41 -0.31
N SER B 92 -24.29 0.58 -0.54
CA SER B 92 -23.99 -0.51 0.38
C SER B 92 -23.55 0.02 1.74
N LEU B 93 -22.70 1.05 1.74
CA LEU B 93 -22.23 1.66 2.98
C LEU B 93 -23.37 2.33 3.74
N ALA B 94 -24.27 2.98 3.00
CA ALA B 94 -25.42 3.64 3.60
C ALA B 94 -26.36 2.63 4.24
N ASP B 95 -26.65 1.55 3.51
CA ASP B 95 -27.48 0.45 4.00
C ASP B 95 -26.97 -0.07 5.35
N MET B 96 -25.65 -0.17 5.50
CA MET B 96 -25.06 -0.64 6.75
C MET B 96 -24.91 0.47 7.78
N GLY B 97 -25.34 1.67 7.42
CA GLY B 97 -25.30 2.80 8.33
C GLY B 97 -23.92 3.38 8.57
N PHE B 98 -23.01 3.20 7.62
CA PHE B 98 -21.64 3.70 7.77
C PHE B 98 -21.46 5.05 7.11
N VAL B 99 -22.39 5.41 6.22
CA VAL B 99 -22.38 6.75 5.64
C VAL B 99 -23.79 7.35 5.69
N ASP B 100 -23.84 8.64 5.97
CA ASP B 100 -25.11 9.35 5.91
C ASP B 100 -25.29 10.00 4.54
N ARG B 101 -26.49 10.50 4.30
CA ARG B 101 -26.76 11.28 3.10
C ARG B 101 -27.55 12.48 3.55
N ALA B 102 -27.27 13.62 2.93
CA ALA B 102 -27.98 14.85 3.22
C ALA B 102 -28.14 15.59 1.90
N PRO B 103 -29.21 16.38 1.77
CA PRO B 103 -29.27 17.11 0.50
C PRO B 103 -28.15 18.13 0.52
N HIS B 104 -27.58 18.42 -0.64
CA HIS B 104 -26.56 19.44 -0.75
C HIS B 104 -27.20 20.80 -0.43
N PRO B 105 -26.56 21.61 0.43
CA PRO B 105 -26.94 23.02 0.50
C PRO B 105 -26.55 23.62 -0.84
N ILE B 106 -27.22 24.69 -1.27
CA ILE B 106 -26.98 25.26 -2.60
C ILE B 106 -27.65 24.29 -3.58
N ASP B 107 -28.78 24.64 -4.17
CA ASP B 107 -29.53 23.65 -4.95
C ASP B 107 -28.68 23.29 -6.16
N GLY B 108 -28.26 22.03 -6.17
CA GLY B 108 -27.53 21.42 -7.25
C GLY B 108 -28.18 20.61 -8.36
N ARG B 109 -29.04 19.63 -8.04
CA ARG B 109 -29.36 19.15 -6.69
C ARG B 109 -28.61 17.86 -6.39
N GLN B 110 -27.47 17.92 -5.69
CA GLN B 110 -26.70 16.69 -5.46
C GLN B 110 -26.99 16.22 -4.06
N VAL B 111 -26.40 15.08 -3.71
CA VAL B 111 -26.43 14.62 -2.33
C VAL B 111 -24.99 14.76 -1.77
N LEU B 112 -24.85 15.07 -0.48
CA LEU B 112 -23.55 15.00 0.16
C LEU B 112 -23.49 13.71 0.98
N VAL B 113 -22.40 12.97 0.84
CA VAL B 113 -22.23 11.78 1.67
C VAL B 113 -21.06 12.00 2.63
N SER B 114 -21.25 11.55 3.86
CA SER B 114 -20.22 11.66 4.88
C SER B 114 -20.27 10.42 5.74
N VAL B 115 -19.19 10.14 6.45
CA VAL B 115 -19.19 8.99 7.33
C VAL B 115 -20.09 9.25 8.53
N SER B 116 -20.76 8.21 8.98
CA SER B 116 -21.51 8.27 10.23
C SER B 116 -20.52 8.06 11.35
N GLU B 117 -21.01 8.04 12.58
CA GLU B 117 -20.10 7.82 13.69
C GLU B 117 -19.61 6.37 13.72
N SER B 118 -20.47 5.43 13.30
CA SER B 118 -20.04 4.03 13.21
C SER B 118 -19.04 3.91 12.07
N GLY B 119 -19.26 4.68 10.99
CA GLY B 119 -18.35 4.70 9.87
C GLY B 119 -16.99 5.27 10.25
N ALA B 120 -17.00 6.39 10.94
CA ALA B 120 -15.77 7.02 11.41
C ALA B 120 -15.01 6.10 12.36
N GLU B 121 -15.73 5.44 13.26
CA GLU B 121 -15.12 4.52 14.20
C GLU B 121 -14.49 3.33 13.48
N LEU B 122 -15.18 2.83 12.46
CA LEU B 122 -14.66 1.73 11.64
C LEU B 122 -13.31 2.07 11.02
N VAL B 123 -13.21 3.26 10.44
CA VAL B 123 -11.97 3.72 9.83
C VAL B 123 -10.85 3.78 10.87
N LYS B 124 -11.14 4.33 12.05
CA LYS B 124 -10.13 4.39 13.12
C LYS B 124 -9.76 3.00 13.62
N ALA B 125 -10.75 2.11 13.72
CA ALA B 125 -10.52 0.74 14.15
C ALA B 125 -9.61 0.01 13.19
N ALA B 126 -9.87 0.18 11.89
CA ALA B 126 -9.05 -0.42 10.86
C ALA B 126 -7.60 0.07 10.94
N ARG B 127 -7.43 1.38 11.14
CA ARG B 127 -6.08 1.95 11.22
C ARG B 127 -5.34 1.39 12.44
N ARG B 128 -6.03 1.26 13.56
CA ARG B 128 -5.40 0.65 14.73
C ARG B 128 -5.02 -0.79 14.43
N ALA B 129 -5.90 -1.49 13.71
CA ALA B 129 -5.64 -2.89 13.35
C ALA B 129 -4.36 -3.07 12.52
N ARG B 130 -4.15 -2.21 11.53
CA ARG B 130 -2.95 -2.24 10.68
C ARG B 130 -1.70 -2.04 11.51
N GLN B 131 -1.80 -1.06 12.41
CA GLN B 131 -0.75 -0.67 13.35
C GLN B 131 -0.34 -1.76 14.30
N GLU B 132 -1.32 -2.47 14.82
CA GLU B 132 -1.06 -3.54 15.77
C GLU B 132 -0.47 -4.76 15.07
N TRP B 133 -1.03 -5.07 13.90
CA TRP B 133 -0.52 -6.13 13.05
C TRP B 133 0.93 -5.86 12.64
N LEU B 134 1.19 -4.63 12.20
CA LEU B 134 2.53 -4.26 11.77
C LEU B 134 3.54 -4.31 12.90
N ALA B 135 3.14 -3.85 14.08
CA ALA B 135 4.03 -3.85 15.24
C ALA B 135 4.49 -5.27 15.57
N GLU B 136 3.58 -6.22 15.46
CA GLU B 136 3.90 -7.63 15.70
C GLU B 136 4.99 -8.12 14.75
N ARG B 137 4.88 -7.73 13.49
CA ARG B 137 5.83 -8.18 12.48
C ARG B 137 7.19 -7.51 12.72
N LEU B 138 7.16 -6.23 13.06
CA LEU B 138 8.36 -5.45 13.26
C LEU B 138 9.16 -5.97 14.46
N ALA B 139 8.45 -6.54 15.43
CA ALA B 139 9.08 -7.07 16.63
C ALA B 139 9.96 -8.28 16.32
N THR B 140 9.78 -8.86 15.14
CA THR B 140 10.58 -10.03 14.78
C THR B 140 11.92 -9.60 14.16
N LEU B 141 12.07 -8.31 13.93
CA LEU B 141 13.32 -7.75 13.40
C LEU B 141 14.19 -7.28 14.54
N ASN B 142 15.47 -7.03 14.27
CA ASN B 142 16.32 -6.44 15.30
C ASN B 142 16.28 -4.92 15.23
N ARG B 143 16.96 -4.26 16.17
CA ARG B 143 16.91 -2.81 16.29
C ARG B 143 17.49 -2.11 15.06
N SER B 144 18.55 -2.69 14.50
CA SER B 144 19.19 -2.11 13.33
C SER B 144 18.25 -2.08 12.12
N GLU B 145 17.52 -3.18 11.94
CA GLU B 145 16.57 -3.30 10.86
C GLU B 145 15.41 -2.32 11.02
N ARG B 146 14.89 -2.20 12.24
CA ARG B 146 13.82 -1.25 12.51
C ARG B 146 14.28 0.18 12.28
N ASP B 147 15.54 0.46 12.56
CA ASP B 147 16.12 1.78 12.32
C ASP B 147 16.10 2.08 10.81
N ILE B 148 16.48 1.10 10.00
CA ILE B 148 16.43 1.25 8.54
C ILE B 148 15.01 1.55 8.05
N LEU B 149 14.03 0.82 8.58
CA LEU B 149 12.63 1.01 8.21
C LEU B 149 12.09 2.37 8.66
N ARG B 150 12.61 2.89 9.77
CA ARG B 150 12.28 4.25 10.17
C ARG B 150 12.73 5.29 9.14
N SER B 151 13.97 5.18 8.70
CA SER B 151 14.48 6.07 7.67
C SER B 151 13.69 5.88 6.39
N ALA B 152 13.38 4.63 6.10
CA ALA B 152 12.64 4.26 4.90
C ALA B 152 11.21 4.81 4.92
N ALA B 153 10.57 4.76 6.09
CA ALA B 153 9.23 5.30 6.24
C ALA B 153 9.22 6.80 5.94
N ASP B 154 10.21 7.52 6.47
CA ASP B 154 10.32 8.96 6.24
C ASP B 154 10.51 9.26 4.77
N LEU B 155 11.38 8.52 4.11
CA LEU B 155 11.62 8.69 2.68
C LEU B 155 10.39 8.39 1.84
N MET B 156 9.68 7.31 2.17
CA MET B 156 8.51 6.93 1.37
C MET B 156 7.39 7.95 1.51
N LEU B 157 7.23 8.50 2.72
CA LEU B 157 6.28 9.58 2.97
C LEU B 157 6.66 10.81 2.17
N ALA B 158 7.95 11.09 2.07
CA ALA B 158 8.42 12.22 1.29
C ALA B 158 8.15 12.01 -0.19
N LEU B 159 8.33 10.78 -0.65
CA LEU B 159 8.09 10.46 -2.05
C LEU B 159 6.66 10.73 -2.50
N VAL B 160 5.70 10.50 -1.61
CA VAL B 160 4.30 10.66 -2.04
C VAL B 160 3.95 12.13 -1.90
N ASP B 161 4.54 12.79 -0.91
CA ASP B 161 4.39 14.22 -0.75
C ASP B 161 4.86 14.95 -1.98
N GLU B 162 6.05 14.57 -2.41
CA GLU B 162 6.73 15.23 -3.52
C GLU B 162 6.31 14.84 -4.93
N SER B 163 5.38 13.89 -5.05
CA SER B 163 4.95 13.46 -6.38
C SER B 163 4.00 14.46 -7.04
N PRO B 164 4.16 14.69 -8.35
CA PRO B 164 3.26 15.59 -9.08
C PRO B 164 1.92 14.96 -9.41
N ASP C 26 2.46 18.37 -18.69
CA ASP C 26 2.77 19.40 -17.70
C ASP C 26 2.28 18.88 -16.34
N ALA C 27 3.06 17.96 -15.77
CA ALA C 27 2.73 17.34 -14.49
C ALA C 27 2.64 18.34 -13.34
N ARG C 28 3.59 19.25 -13.27
CA ARG C 28 3.59 20.27 -12.21
C ARG C 28 2.57 21.40 -12.32
N LEU C 29 1.59 21.30 -13.22
CA LEU C 29 0.65 22.41 -13.35
C LEU C 29 -0.24 22.49 -12.12
N ALA C 30 -0.56 21.35 -11.52
CA ALA C 30 -1.42 21.38 -10.34
C ALA C 30 -0.66 22.01 -9.18
N SER C 31 0.61 21.62 -9.04
CA SER C 31 1.46 22.16 -7.98
C SER C 31 1.64 23.66 -8.16
N ASP C 32 2.03 24.05 -9.37
CA ASP C 32 2.34 25.45 -9.66
C ASP C 32 1.11 26.35 -9.62
N LEU C 33 -0.01 25.88 -10.16
CA LEU C 33 -1.22 26.68 -10.16
C LEU C 33 -1.72 26.87 -8.72
N SER C 34 -1.66 25.79 -7.94
CA SER C 34 -2.05 25.88 -6.53
C SER C 34 -1.22 26.92 -5.78
N LEU C 35 0.10 26.84 -5.91
CA LEU C 35 1.02 27.77 -5.29
C LEU C 35 0.75 29.21 -5.73
N ALA C 36 0.57 29.40 -7.03
CA ALA C 36 0.30 30.71 -7.59
C ALA C 36 -0.95 31.32 -6.96
N VAL C 37 -2.01 30.52 -6.86
CA VAL C 37 -3.27 31.00 -6.32
C VAL C 37 -3.15 31.29 -4.83
N MET C 38 -2.44 30.46 -4.10
CA MET C 38 -2.27 30.70 -2.66
C MET C 38 -1.44 31.94 -2.38
N ARG C 39 -0.37 32.14 -3.16
CA ARG C 39 0.49 33.31 -2.96
C ARG C 39 -0.20 34.62 -3.38
N LEU C 40 -0.93 34.60 -4.50
CA LEU C 40 -1.65 35.82 -4.93
C LEU C 40 -2.83 36.13 -4.04
N SER C 41 -3.61 35.12 -3.66
CA SER C 41 -4.75 35.35 -2.77
C SER C 41 -4.29 35.88 -1.43
N ARG C 42 -3.15 35.37 -0.96
CA ARG C 42 -2.53 35.84 0.27
C ARG C 42 -2.23 37.34 0.19
N GLN C 43 -1.60 37.75 -0.89
CA GLN C 43 -1.27 39.17 -1.08
C GLN C 43 -2.52 40.03 -1.23
N LEU C 44 -3.56 39.47 -1.83
CA LEU C 44 -4.78 40.26 -2.06
C LEU C 44 -5.51 40.42 -0.74
N ARG C 45 -5.43 39.39 0.09
CA ARG C 45 -6.08 39.37 1.40
C ARG C 45 -5.42 40.41 2.30
N PHE C 46 -4.11 40.56 2.15
CA PHE C 46 -3.37 41.53 2.94
C PHE C 46 -3.78 42.96 2.65
N ARG C 47 -4.60 43.16 1.62
CA ARG C 47 -4.99 44.51 1.23
C ARG C 47 -6.32 44.90 1.84
N ASN C 48 -6.94 44.00 2.57
CA ASN C 48 -8.19 44.33 3.22
C ASN C 48 -7.92 45.31 4.35
N PRO C 49 -8.54 46.49 4.29
CA PRO C 49 -8.29 47.59 5.21
C PRO C 49 -8.78 47.26 6.61
N SER C 50 -8.33 48.01 7.60
CA SER C 50 -8.72 47.71 8.97
C SER C 50 -10.20 48.02 9.11
N SER C 51 -10.87 47.21 9.91
CA SER C 51 -12.32 47.14 9.92
C SER C 51 -12.68 46.45 11.22
N PRO C 52 -13.92 46.63 11.71
CA PRO C 52 -14.24 45.94 12.95
C PRO C 52 -14.68 44.48 12.75
N VAL C 53 -14.23 43.84 11.68
CA VAL C 53 -14.50 42.43 11.46
C VAL C 53 -13.20 41.67 11.25
N SER C 54 -13.17 40.40 11.66
CA SER C 54 -12.01 39.57 11.41
C SER C 54 -11.95 39.16 9.93
N LEU C 55 -10.83 38.57 9.53
CA LEU C 55 -10.68 38.10 8.16
C LEU C 55 -11.71 37.04 7.78
N SER C 56 -12.00 36.12 8.68
CA SER C 56 -12.98 35.07 8.39
C SER C 56 -14.39 35.66 8.29
N GLN C 57 -14.68 36.62 9.16
CA GLN C 57 -15.96 37.29 9.12
C GLN C 57 -16.09 38.07 7.80
N LEU C 58 -15.02 38.75 7.40
CA LEU C 58 -15.03 39.51 6.15
C LEU C 58 -15.20 38.58 4.96
N SER C 59 -14.53 37.43 5.00
CA SER C 59 -14.63 36.44 3.93
C SER C 59 -16.05 35.92 3.76
N ALA C 60 -16.68 35.61 4.88
CA ALA C 60 -18.06 35.14 4.89
C ALA C 60 -18.98 36.22 4.36
N LEU C 61 -18.69 37.45 4.77
CA LEU C 61 -19.50 38.60 4.39
C LEU C 61 -19.43 38.82 2.87
N THR C 62 -18.24 38.68 2.31
CA THR C 62 -17.98 38.85 0.88
C THR C 62 -18.72 37.78 0.06
N THR C 63 -18.68 36.55 0.55
CA THR C 63 -19.40 35.45 -0.07
C THR C 63 -20.89 35.73 -0.16
N LEU C 64 -21.47 36.20 0.93
CA LEU C 64 -22.88 36.55 0.96
C LEU C 64 -23.19 37.65 -0.05
N ALA C 65 -22.28 38.61 -0.16
CA ALA C 65 -22.47 39.74 -1.06
C ALA C 65 -22.33 39.33 -2.52
N ASN C 66 -21.38 38.45 -2.80
CA ASN C 66 -21.13 38.05 -4.18
C ASN C 66 -22.12 37.03 -4.71
N GLU C 67 -22.66 36.20 -3.82
CA GLU C 67 -23.54 35.11 -4.23
C GLU C 67 -25.00 35.33 -3.84
N GLY C 68 -25.25 36.23 -2.90
CA GLY C 68 -26.61 36.59 -2.54
C GLY C 68 -27.05 35.84 -1.29
N ALA C 69 -28.27 36.12 -0.83
CA ALA C 69 -28.84 35.47 0.33
C ALA C 69 -28.73 33.94 0.24
N MET C 70 -28.36 33.32 1.35
CA MET C 70 -28.29 31.87 1.43
C MET C 70 -28.45 31.41 2.88
N THR C 71 -28.53 30.10 3.06
CA THR C 71 -28.63 29.52 4.40
C THR C 71 -27.26 29.42 5.05
N PRO C 72 -27.24 29.36 6.40
CA PRO C 72 -25.99 29.18 7.14
C PRO C 72 -25.24 27.91 6.74
N GLY C 73 -25.98 26.84 6.44
CA GLY C 73 -25.36 25.60 6.00
C GLY C 73 -24.63 25.81 4.68
N ALA C 74 -25.26 26.56 3.77
CA ALA C 74 -24.66 26.86 2.47
C ALA C 74 -23.42 27.76 2.60
N LEU C 75 -23.51 28.76 3.47
CA LEU C 75 -22.39 29.66 3.69
C LEU C 75 -21.20 28.90 4.27
N ALA C 76 -21.47 28.00 5.21
CA ALA C 76 -20.42 27.19 5.84
C ALA C 76 -19.67 26.31 4.83
N ILE C 77 -20.41 25.66 3.94
CA ILE C 77 -19.81 24.82 2.92
C ILE C 77 -18.97 25.65 1.97
N ARG C 78 -19.48 26.79 1.53
CA ARG C 78 -18.70 27.64 0.62
C ARG C 78 -17.45 28.18 1.31
N GLU C 79 -17.55 28.46 2.61
CA GLU C 79 -16.40 28.99 3.36
C GLU C 79 -15.45 27.94 3.91
N ARG C 80 -15.86 26.68 3.83
CA ARG C 80 -15.06 25.57 4.32
C ARG C 80 -14.86 25.67 5.83
N VAL C 81 -15.89 26.08 6.55
CA VAL C 81 -15.79 26.08 8.00
C VAL C 81 -16.89 25.19 8.57
N ARG C 82 -16.68 24.70 9.78
CA ARG C 82 -17.61 23.76 10.40
C ARG C 82 -18.89 24.52 10.72
N PRO C 83 -20.07 23.89 10.49
CA PRO C 83 -21.32 24.62 10.69
C PRO C 83 -21.50 25.30 12.07
N PRO C 84 -21.12 24.63 13.19
CA PRO C 84 -21.26 25.35 14.46
C PRO C 84 -20.40 26.60 14.53
N SER C 85 -19.19 26.51 14.00
CA SER C 85 -18.30 27.67 13.92
C SER C 85 -18.90 28.77 13.06
N MET C 86 -19.49 28.39 11.92
CA MET C 86 -20.11 29.37 11.04
C MET C 86 -21.30 30.04 11.71
N THR C 87 -22.03 29.29 12.52
CA THR C 87 -23.15 29.84 13.25
C THR C 87 -22.68 30.98 14.17
N ARG C 88 -21.49 30.84 14.74
CA ARG C 88 -20.96 31.90 15.61
C ARG C 88 -20.43 33.10 14.80
N VAL C 89 -19.84 32.82 13.64
CA VAL C 89 -19.41 33.87 12.73
C VAL C 89 -20.60 34.75 12.34
N ILE C 90 -21.67 34.10 11.92
CA ILE C 90 -22.89 34.80 11.53
C ILE C 90 -23.49 35.60 12.68
N ALA C 91 -23.56 34.99 13.86
CA ALA C 91 -24.10 35.65 15.04
C ALA C 91 -23.26 36.89 15.38
N SER C 92 -21.95 36.77 15.26
CA SER C 92 -21.04 37.88 15.53
C SER C 92 -21.28 39.04 14.56
N LEU C 93 -21.46 38.70 13.29
CA LEU C 93 -21.77 39.70 12.26
C LEU C 93 -23.15 40.31 12.50
N ALA C 94 -24.09 39.48 12.93
CA ALA C 94 -25.45 39.95 13.21
C ALA C 94 -25.45 40.95 14.35
N ASP C 95 -24.72 40.63 15.41
CA ASP C 95 -24.52 41.54 16.54
C ASP C 95 -24.07 42.92 16.09
N MET C 96 -23.14 42.96 15.14
CA MET C 96 -22.61 44.23 14.65
C MET C 96 -23.45 44.86 13.54
N GLY C 97 -24.55 44.22 13.18
CA GLY C 97 -25.47 44.74 12.20
C GLY C 97 -25.01 44.65 10.75
N PHE C 98 -24.14 43.67 10.47
CA PHE C 98 -23.59 43.52 9.13
C PHE C 98 -24.34 42.48 8.29
N VAL C 99 -25.14 41.64 8.95
CA VAL C 99 -25.99 40.69 8.23
C VAL C 99 -27.42 40.69 8.74
N ASP C 100 -28.36 40.56 7.81
CA ASP C 100 -29.77 40.38 8.15
C ASP C 100 -30.11 38.90 8.21
N ARG C 101 -31.23 38.56 8.86
CA ARG C 101 -31.69 37.18 8.93
C ARG C 101 -33.20 37.13 8.73
N ALA C 102 -33.61 36.48 7.65
CA ALA C 102 -35.02 36.33 7.25
C ALA C 102 -35.33 34.94 6.71
N PRO C 103 -36.34 34.25 7.30
CA PRO C 103 -36.75 32.92 6.85
C PRO C 103 -37.37 32.98 5.44
N HIS C 104 -37.11 31.97 4.58
CA HIS C 104 -37.65 31.91 3.21
C HIS C 104 -36.88 30.87 2.37
N PRO C 105 -37.58 30.14 1.46
CA PRO C 105 -38.90 30.15 0.78
C PRO C 105 -40.07 30.03 1.76
N ILE C 106 -41.08 29.19 1.57
CA ILE C 106 -42.03 29.04 2.69
C ILE C 106 -41.83 27.54 2.99
N ASP C 107 -40.54 27.29 2.86
CA ASP C 107 -39.69 26.33 3.54
C ASP C 107 -40.21 25.58 4.76
N GLY C 108 -39.29 25.12 5.58
CA GLY C 108 -39.61 24.49 6.85
C GLY C 108 -39.05 25.28 8.02
N ARG C 109 -39.14 26.60 7.88
CA ARG C 109 -38.63 27.60 8.83
C ARG C 109 -37.11 27.61 8.97
N GLN C 110 -36.41 27.70 7.84
CA GLN C 110 -34.95 27.82 7.87
C GLN C 110 -34.66 29.28 7.61
N VAL C 111 -33.47 29.73 8.00
CA VAL C 111 -33.11 31.12 7.83
C VAL C 111 -32.18 31.41 6.66
N LEU C 112 -32.47 32.49 5.92
CA LEU C 112 -31.59 33.00 4.90
C LEU C 112 -30.79 34.14 5.51
N VAL C 113 -29.50 34.16 5.25
CA VAL C 113 -28.65 35.24 5.73
C VAL C 113 -28.19 36.07 4.54
N SER C 114 -28.20 37.38 4.71
CA SER C 114 -27.76 38.28 3.65
C SER C 114 -26.99 39.43 4.27
N VAL C 115 -26.16 40.10 3.47
CA VAL C 115 -25.44 41.26 3.97
C VAL C 115 -26.40 42.42 4.15
N SER C 116 -26.16 43.22 5.19
CA SER C 116 -26.91 44.46 5.37
C SER C 116 -26.26 45.52 4.50
N GLU C 117 -26.79 46.73 4.53
CA GLU C 117 -26.20 47.81 3.76
C GLU C 117 -24.88 48.20 4.37
N SER C 118 -24.78 48.13 5.69
CA SER C 118 -23.51 48.39 6.37
C SER C 118 -22.52 47.27 6.08
N GLY C 119 -23.02 46.04 6.00
CA GLY C 119 -22.20 44.88 5.67
C GLY C 119 -21.66 44.96 4.26
N ALA C 120 -22.54 45.29 3.33
CA ALA C 120 -22.16 45.45 1.93
C ALA C 120 -21.08 46.52 1.76
N GLU C 121 -21.20 47.61 2.51
CA GLU C 121 -20.20 48.68 2.44
C GLU C 121 -18.81 48.21 2.87
N LEU C 122 -18.75 47.40 3.91
CA LEU C 122 -17.49 46.80 4.35
C LEU C 122 -16.89 45.97 3.21
N VAL C 123 -17.74 45.16 2.59
CA VAL C 123 -17.32 44.31 1.48
C VAL C 123 -16.80 45.12 0.28
N LYS C 124 -17.49 46.19 -0.08
CA LYS C 124 -17.04 47.00 -1.22
C LYS C 124 -15.70 47.69 -0.96
N ALA C 125 -15.51 48.19 0.25
CA ALA C 125 -14.26 48.86 0.58
C ALA C 125 -13.08 47.90 0.46
N ALA C 126 -13.25 46.69 0.98
CA ALA C 126 -12.24 45.65 0.87
C ALA C 126 -11.98 45.28 -0.58
N ARG C 127 -13.05 45.12 -1.36
CA ARG C 127 -12.91 44.78 -2.77
C ARG C 127 -12.17 45.88 -3.53
N ARG C 128 -12.45 47.13 -3.19
CA ARG C 128 -11.76 48.25 -3.80
C ARG C 128 -10.27 48.20 -3.53
N ALA C 129 -9.93 47.91 -2.28
CA ALA C 129 -8.54 47.84 -1.88
C ALA C 129 -7.81 46.73 -2.65
N ARG C 130 -8.45 45.57 -2.78
CA ARG C 130 -7.85 44.47 -3.54
C ARG C 130 -7.68 44.82 -5.02
N GLN C 131 -8.73 45.36 -5.63
CA GLN C 131 -8.73 45.67 -7.06
C GLN C 131 -7.71 46.74 -7.44
N GLU C 132 -7.62 47.77 -6.61
CA GLU C 132 -6.71 48.87 -6.89
C GLU C 132 -5.26 48.41 -6.75
N TRP C 133 -4.98 47.62 -5.72
CA TRP C 133 -3.66 47.04 -5.58
C TRP C 133 -3.29 46.16 -6.77
N LEU C 134 -4.21 45.24 -7.14
CA LEU C 134 -3.96 44.33 -8.26
C LEU C 134 -3.84 45.07 -9.59
N ALA C 135 -4.67 46.08 -9.78
CA ALA C 135 -4.63 46.85 -11.03
C ALA C 135 -3.26 47.48 -11.20
N GLU C 136 -2.72 47.99 -10.11
CA GLU C 136 -1.38 48.58 -10.14
C GLU C 136 -0.32 47.54 -10.55
N ARG C 137 -0.44 46.31 -10.03
CA ARG C 137 0.51 45.24 -10.37
C ARG C 137 0.36 44.83 -11.84
N LEU C 138 -0.89 44.80 -12.31
CA LEU C 138 -1.18 44.40 -13.69
C LEU C 138 -0.66 45.39 -14.74
N ALA C 139 -0.53 46.65 -14.36
CA ALA C 139 -0.11 47.70 -15.30
C ALA C 139 1.32 47.48 -15.82
N THR C 140 2.07 46.61 -15.15
CA THR C 140 3.43 46.31 -15.55
C THR C 140 3.51 45.20 -16.59
N LEU C 141 2.36 44.58 -16.90
CA LEU C 141 2.33 43.53 -17.92
C LEU C 141 1.98 44.08 -19.29
N ASN C 142 2.25 43.30 -20.34
CA ASN C 142 1.86 43.70 -21.69
C ASN C 142 0.47 43.17 -22.01
N ARG C 143 -0.04 43.50 -23.19
CA ARG C 143 -1.40 43.14 -23.58
C ARG C 143 -1.59 41.62 -23.72
N SER C 144 -0.59 40.95 -24.24
CA SER C 144 -0.64 39.49 -24.42
C SER C 144 -0.76 38.80 -23.08
N GLU C 145 0.03 39.26 -22.11
CA GLU C 145 0.00 38.70 -20.77
C GLU C 145 -1.34 38.97 -20.09
N ARG C 146 -1.84 40.19 -20.23
CA ARG C 146 -3.14 40.52 -19.68
C ARG C 146 -4.25 39.73 -20.38
N ASP C 147 -4.06 39.44 -21.67
CA ASP C 147 -5.02 38.61 -22.40
C ASP C 147 -5.09 37.20 -21.80
N ILE C 148 -3.93 36.64 -21.51
CA ILE C 148 -3.83 35.32 -20.90
C ILE C 148 -4.52 35.29 -19.54
N LEU C 149 -4.27 36.30 -18.72
CA LEU C 149 -4.87 36.38 -17.39
C LEU C 149 -6.38 36.59 -17.47
N ARG C 150 -6.84 37.29 -18.51
CA ARG C 150 -8.27 37.47 -18.67
C ARG C 150 -8.97 36.12 -18.90
N SER C 151 -8.48 35.31 -19.84
CA SER C 151 -9.05 33.99 -20.11
C SER C 151 -8.90 33.04 -18.92
N ALA C 152 -7.76 33.11 -18.25
CA ALA C 152 -7.51 32.26 -17.09
C ALA C 152 -8.50 32.56 -15.97
N ALA C 153 -8.85 33.84 -15.80
CA ALA C 153 -9.82 34.23 -14.80
C ALA C 153 -11.15 33.51 -15.03
N ASP C 154 -11.59 33.49 -16.28
CA ASP C 154 -12.82 32.79 -16.65
C ASP C 154 -12.69 31.29 -16.39
N LEU C 155 -11.56 30.71 -16.77
CA LEU C 155 -11.32 29.29 -16.56
C LEU C 155 -11.34 28.94 -15.07
N MET C 156 -10.72 29.80 -14.25
CA MET C 156 -10.67 29.55 -12.81
C MET C 156 -12.05 29.65 -12.18
N LEU C 157 -12.87 30.55 -12.70
CA LEU C 157 -14.25 30.62 -12.23
C LEU C 157 -14.95 29.30 -12.53
N ALA C 158 -14.68 28.76 -13.73
CA ALA C 158 -15.24 27.48 -14.15
C ALA C 158 -14.72 26.30 -13.31
N LEU C 159 -13.46 26.35 -12.92
CA LEU C 159 -12.87 25.29 -12.09
C LEU C 159 -13.66 25.11 -10.80
N VAL C 160 -14.21 26.22 -10.30
CA VAL C 160 -14.95 26.21 -9.04
C VAL C 160 -16.43 25.89 -9.29
N ASP C 161 -17.00 26.51 -10.33
CA ASP C 161 -18.41 26.30 -10.65
C ASP C 161 -18.73 24.92 -11.24
N GLU C 162 -17.71 24.16 -11.60
CA GLU C 162 -17.93 22.89 -12.30
C GLU C 162 -17.41 21.70 -11.51
N SER C 163 -16.94 21.94 -10.29
CA SER C 163 -16.45 20.85 -9.44
C SER C 163 -17.58 20.03 -8.82
N PRO C 164 -17.54 18.70 -9.00
CA PRO C 164 -18.52 17.80 -8.38
C PRO C 164 -18.20 17.51 -6.92
N ASP D 26 -8.87 47.85 -18.16
CA ASP D 26 -8.00 47.20 -17.17
C ASP D 26 -8.68 47.29 -15.78
N ALA D 27 -9.70 48.12 -15.67
CA ALA D 27 -10.46 48.19 -14.43
C ALA D 27 -11.11 46.84 -14.16
N ARG D 28 -11.74 46.30 -15.20
CA ARG D 28 -12.41 45.02 -15.07
C ARG D 28 -11.39 43.89 -14.94
N LEU D 29 -10.23 44.03 -15.58
CA LEU D 29 -9.18 43.04 -15.42
C LEU D 29 -8.36 43.40 -14.19
N ALA D 30 -8.89 43.04 -13.03
CA ALA D 30 -8.26 43.22 -11.73
C ALA D 30 -9.40 42.81 -10.85
N SER D 31 -10.58 43.32 -11.21
CA SER D 31 -11.80 42.95 -10.53
C SER D 31 -12.07 41.47 -10.76
N ASP D 32 -12.07 41.07 -12.04
CA ASP D 32 -12.38 39.69 -12.42
C ASP D 32 -11.33 38.70 -11.95
N LEU D 33 -10.07 39.08 -12.10
CA LEU D 33 -8.97 38.21 -11.70
C LEU D 33 -8.93 38.06 -10.18
N SER D 34 -9.11 39.16 -9.45
CA SER D 34 -9.14 39.08 -7.99
C SER D 34 -10.28 38.17 -7.53
N LEU D 35 -11.47 38.39 -8.08
CA LEU D 35 -12.64 37.58 -7.74
C LEU D 35 -12.39 36.09 -7.99
N ALA D 36 -11.88 35.76 -9.18
CA ALA D 36 -11.61 34.37 -9.54
C ALA D 36 -10.59 33.72 -8.60
N VAL D 37 -9.50 34.44 -8.33
CA VAL D 37 -8.47 33.89 -7.45
C VAL D 37 -8.96 33.74 -6.03
N MET D 38 -9.74 34.71 -5.54
CA MET D 38 -10.25 34.60 -4.17
C MET D 38 -11.24 33.44 -4.04
N ARG D 39 -12.08 33.23 -5.06
CA ARG D 39 -13.06 32.14 -4.98
C ARG D 39 -12.35 30.80 -5.00
N LEU D 40 -11.34 30.69 -5.85
CA LEU D 40 -10.60 29.46 -5.98
C LEU D 40 -9.81 29.13 -4.71
N SER D 41 -9.16 30.14 -4.11
CA SER D 41 -8.42 29.89 -2.86
C SER D 41 -9.36 29.44 -1.76
N ARG D 42 -10.57 30.01 -1.77
CA ARG D 42 -11.63 29.63 -0.86
C ARG D 42 -11.93 28.12 -1.03
N GLN D 43 -12.02 27.70 -2.30
CA GLN D 43 -12.26 26.32 -2.66
C GLN D 43 -11.11 25.42 -2.19
N LEU D 44 -9.90 25.97 -2.20
CA LEU D 44 -8.69 25.25 -1.84
C LEU D 44 -8.46 25.07 -0.33
N ARG D 45 -9.28 25.70 0.50
CA ARG D 45 -9.05 25.64 1.95
C ARG D 45 -9.10 24.20 2.46
N PHE D 46 -8.28 23.90 3.46
CA PHE D 46 -8.18 22.57 4.04
C PHE D 46 -9.45 22.13 4.76
N ARG D 47 -10.20 21.22 4.13
CA ARG D 47 -11.43 20.72 4.74
C ARG D 47 -11.34 19.32 5.33
N ASN D 48 -10.19 18.95 5.88
CA ASN D 48 -10.12 17.68 6.58
C ASN D 48 -10.90 17.86 7.86
N PRO D 49 -11.94 17.02 8.07
CA PRO D 49 -12.86 17.19 9.19
C PRO D 49 -12.18 16.98 10.53
N SER D 50 -11.08 16.25 10.50
CA SER D 50 -10.34 15.92 11.70
C SER D 50 -9.22 16.95 11.94
N SER D 51 -9.28 18.07 11.24
CA SER D 51 -8.20 19.04 11.35
C SER D 51 -8.13 19.63 12.75
N PRO D 52 -6.90 19.69 13.31
CA PRO D 52 -6.62 20.26 14.63
C PRO D 52 -6.30 21.75 14.59
N VAL D 53 -6.14 22.32 13.38
CA VAL D 53 -5.83 23.74 13.27
C VAL D 53 -6.82 24.57 12.47
N SER D 54 -6.97 25.81 12.89
CA SER D 54 -7.79 26.79 12.21
C SER D 54 -7.09 27.25 10.94
N LEU D 55 -7.80 28.02 10.11
CA LEU D 55 -7.23 28.56 8.89
C LEU D 55 -6.04 29.46 9.22
N SER D 56 -6.17 30.25 10.29
CA SER D 56 -5.11 31.17 10.71
C SER D 56 -3.90 30.43 11.25
N GLN D 57 -4.14 29.39 12.03
CA GLN D 57 -3.04 28.57 12.57
C GLN D 57 -2.29 27.87 11.45
N LEU D 58 -3.03 27.32 10.49
CA LEU D 58 -2.41 26.63 9.37
C LEU D 58 -1.55 27.57 8.53
N SER D 59 -2.03 28.80 8.33
CA SER D 59 -1.27 29.79 7.57
C SER D 59 0.06 30.10 8.23
N ALA D 60 0.04 30.31 9.55
CA ALA D 60 1.27 30.58 10.29
C ALA D 60 2.22 29.41 10.20
N LEU D 61 1.66 28.21 10.33
CA LEU D 61 2.46 26.99 10.25
C LEU D 61 3.09 26.87 8.86
N THR D 62 2.29 27.16 7.85
CA THR D 62 2.74 27.05 6.46
C THR D 62 3.87 28.03 6.15
N THR D 63 3.71 29.28 6.57
CA THR D 63 4.77 30.28 6.40
C THR D 63 6.04 29.85 7.14
N LEU D 64 5.87 29.40 8.37
CA LEU D 64 6.99 28.94 9.18
C LEU D 64 7.73 27.78 8.51
N ALA D 65 6.96 26.89 7.90
CA ALA D 65 7.52 25.71 7.26
C ALA D 65 8.28 26.05 5.98
N ASN D 66 7.75 26.98 5.21
CA ASN D 66 8.31 27.32 3.91
C ASN D 66 9.50 28.26 4.01
N GLU D 67 9.53 29.07 5.06
CA GLU D 67 10.59 30.08 5.16
C GLU D 67 11.62 29.74 6.23
N GLY D 68 11.27 28.82 7.12
CA GLY D 68 12.24 28.32 8.09
C GLY D 68 12.13 28.98 9.44
N ALA D 69 12.98 28.56 10.37
CA ALA D 69 13.01 29.12 11.72
C ALA D 69 13.13 30.64 11.66
N MET D 70 12.33 31.29 12.49
CA MET D 70 12.35 32.75 12.58
C MET D 70 11.83 33.16 13.96
N THR D 71 11.89 34.45 14.25
CA THR D 71 11.41 34.93 15.54
C THR D 71 9.89 35.11 15.52
N PRO D 72 9.26 35.09 16.70
CA PRO D 72 7.81 35.34 16.78
C PRO D 72 7.45 36.69 16.17
N GLY D 73 8.30 37.68 16.39
CA GLY D 73 8.11 38.99 15.81
C GLY D 73 8.19 38.93 14.29
N ALA D 74 9.16 38.17 13.80
CA ALA D 74 9.36 38.02 12.37
C ALA D 74 8.18 37.30 11.73
N LEU D 75 7.69 36.25 12.40
CA LEU D 75 6.52 35.52 11.91
C LEU D 75 5.30 36.42 11.88
N ALA D 76 5.17 37.23 12.93
CA ALA D 76 4.08 38.21 13.04
C ALA D 76 4.14 39.21 11.89
N ILE D 77 5.36 39.65 11.58
CA ILE D 77 5.57 40.58 10.48
C ILE D 77 5.18 39.97 9.15
N ARG D 78 5.62 38.75 8.89
CA ARG D 78 5.34 38.08 7.62
C ARG D 78 3.88 37.74 7.41
N GLU D 79 3.21 37.37 8.49
CA GLU D 79 1.80 37.00 8.42
C GLU D 79 0.97 38.25 8.49
N ARG D 80 1.64 39.36 8.80
CA ARG D 80 0.98 40.65 8.90
C ARG D 80 -0.10 40.57 9.98
N VAL D 81 0.24 39.92 11.09
CA VAL D 81 -0.65 39.84 12.23
C VAL D 81 0.03 40.51 13.41
N ARG D 82 -0.76 41.07 14.32
CA ARG D 82 -0.20 41.77 15.46
C ARG D 82 0.35 40.81 16.51
N PRO D 83 1.47 41.20 17.14
CA PRO D 83 2.21 40.34 18.08
C PRO D 83 1.38 39.68 19.19
N PRO D 84 0.42 40.39 19.80
CA PRO D 84 -0.30 39.65 20.86
C PRO D 84 -1.07 38.41 20.36
N SER D 85 -1.80 38.54 19.25
CA SER D 85 -2.49 37.39 18.66
C SER D 85 -1.51 36.36 18.12
N MET D 86 -0.45 36.81 17.46
CA MET D 86 0.51 35.88 16.90
C MET D 86 1.21 35.07 17.97
N THR D 87 1.52 35.69 19.11
CA THR D 87 2.13 34.94 20.21
C THR D 87 1.21 33.83 20.69
N ARG D 88 -0.09 34.10 20.73
CA ARG D 88 -1.05 33.08 21.14
C ARG D 88 -1.31 32.05 20.03
N VAL D 89 -1.26 32.49 18.78
CA VAL D 89 -1.29 31.55 17.66
C VAL D 89 -0.13 30.57 17.82
N ILE D 90 1.07 31.11 18.03
CA ILE D 90 2.27 30.30 18.23
C ILE D 90 2.14 29.37 19.44
N ALA D 91 1.67 29.93 20.56
CA ALA D 91 1.48 29.16 21.78
C ALA D 91 0.50 28.00 21.57
N SER D 92 -0.59 28.27 20.86
CA SER D 92 -1.58 27.24 20.58
C SER D 92 -1.00 26.13 19.72
N LEU D 93 -0.21 26.51 18.71
CA LEU D 93 0.45 25.52 17.86
C LEU D 93 1.47 24.69 18.63
N ALA D 94 2.22 25.34 19.51
CA ALA D 94 3.22 24.66 20.33
C ALA D 94 2.56 23.67 21.28
N ASP D 95 1.47 24.11 21.91
CA ASP D 95 0.65 23.26 22.77
C ASP D 95 0.28 21.94 22.09
N MET D 96 -0.08 22.04 20.82
CA MET D 96 -0.45 20.86 20.03
C MET D 96 0.79 20.17 19.47
N GLY D 97 1.97 20.71 19.78
CA GLY D 97 3.22 20.12 19.35
C GLY D 97 3.56 20.30 17.89
N PHE D 98 3.06 21.36 17.28
CA PHE D 98 3.32 21.61 15.87
C PHE D 98 4.47 22.60 15.62
N VAL D 99 4.86 23.33 16.66
CA VAL D 99 5.99 24.25 16.56
C VAL D 99 6.99 24.12 17.72
N ASP D 100 8.29 24.17 17.41
CA ASP D 100 9.31 24.20 18.44
C ASP D 100 9.73 25.62 18.83
N ARG D 101 10.75 25.73 19.68
CA ARG D 101 11.32 27.01 20.04
C ARG D 101 12.83 26.93 20.24
N ALA D 102 13.54 27.99 19.89
CA ALA D 102 14.99 28.04 20.05
C ALA D 102 15.46 29.38 20.60
N GLN D 110 17.39 35.80 18.19
CA GLN D 110 17.45 35.59 19.63
C GLN D 110 16.55 34.39 19.99
N VAL D 111 15.24 34.54 19.83
CA VAL D 111 14.26 33.49 20.05
C VAL D 111 13.72 32.98 18.71
N LEU D 112 14.18 31.81 18.28
CA LEU D 112 13.67 31.24 17.03
C LEU D 112 12.57 30.21 17.23
N VAL D 113 11.52 30.29 16.41
CA VAL D 113 10.46 29.30 16.40
C VAL D 113 10.49 28.57 15.06
N SER D 114 10.25 27.26 15.08
CA SER D 114 10.25 26.47 13.85
C SER D 114 9.15 25.42 13.91
N VAL D 115 8.76 24.89 12.75
CA VAL D 115 7.78 23.82 12.72
C VAL D 115 8.41 22.53 13.25
N SER D 116 7.63 21.74 13.97
CA SER D 116 8.07 20.41 14.38
C SER D 116 7.85 19.45 13.23
N GLU D 117 8.14 18.17 13.45
CA GLU D 117 7.92 17.17 12.40
C GLU D 117 6.43 16.95 12.18
N SER D 118 5.64 17.05 13.25
CA SER D 118 4.19 16.94 13.15
C SER D 118 3.60 18.16 12.44
N GLY D 119 4.18 19.33 12.70
CA GLY D 119 3.77 20.57 12.05
C GLY D 119 4.05 20.60 10.56
N ALA D 120 5.25 20.20 10.17
CA ALA D 120 5.61 20.14 8.75
C ALA D 120 4.68 19.19 8.00
N GLU D 121 4.36 18.05 8.61
CA GLU D 121 3.46 17.07 8.01
C GLU D 121 2.07 17.65 7.81
N LEU D 122 1.60 18.41 8.79
CA LEU D 122 0.32 19.10 8.70
C LEU D 122 0.29 20.03 7.50
N VAL D 123 1.36 20.79 7.33
CA VAL D 123 1.50 21.71 6.22
C VAL D 123 1.47 20.94 4.89
N LYS D 124 2.20 19.83 4.86
CA LYS D 124 2.29 18.99 3.67
C LYS D 124 0.95 18.32 3.33
N ALA D 125 0.22 17.92 4.34
CA ALA D 125 -1.08 17.31 4.14
C ALA D 125 -2.03 18.29 3.47
N ALA D 126 -2.05 19.52 3.97
CA ALA D 126 -2.89 20.57 3.38
C ALA D 126 -2.50 20.85 1.94
N ARG D 127 -1.21 21.00 1.70
CA ARG D 127 -0.71 21.27 0.36
C ARG D 127 -1.02 20.12 -0.59
N ARG D 128 -0.86 18.90 -0.09
CA ARG D 128 -1.15 17.71 -0.87
C ARG D 128 -2.62 17.69 -1.26
N ALA D 129 -3.49 18.04 -0.31
CA ALA D 129 -4.92 18.08 -0.56
C ALA D 129 -5.23 19.10 -1.66
N ARG D 130 -4.58 20.25 -1.61
CA ARG D 130 -4.81 21.25 -2.66
C ARG D 130 -4.42 20.78 -4.06
N GLN D 131 -3.22 20.26 -4.23
CA GLN D 131 -2.83 19.75 -5.54
C GLN D 131 -3.64 18.58 -6.07
N GLU D 132 -4.04 17.65 -5.21
CA GLU D 132 -4.82 16.55 -5.75
C GLU D 132 -6.21 17.02 -6.19
N TRP D 133 -6.86 17.89 -5.43
CA TRP D 133 -8.15 18.42 -5.87
C TRP D 133 -8.00 19.14 -7.20
N LEU D 134 -7.00 20.00 -7.29
CA LEU D 134 -6.76 20.81 -8.47
C LEU D 134 -6.41 19.93 -9.67
N ALA D 135 -5.61 18.90 -9.46
CA ALA D 135 -5.21 18.00 -10.54
C ALA D 135 -6.41 17.28 -11.14
N GLU D 136 -7.33 16.89 -10.28
CA GLU D 136 -8.57 16.24 -10.69
C GLU D 136 -9.38 17.15 -11.60
N ARG D 137 -9.42 18.42 -11.22
CA ARG D 137 -10.17 19.41 -11.97
C ARG D 137 -9.50 19.71 -13.31
N LEU D 138 -8.17 19.80 -13.29
CA LEU D 138 -7.41 20.13 -14.50
C LEU D 138 -7.51 19.03 -15.57
N ALA D 139 -7.66 17.80 -15.12
CA ALA D 139 -7.74 16.67 -16.05
C ALA D 139 -9.01 16.69 -16.90
N THR D 140 -10.01 17.45 -16.47
CA THR D 140 -11.28 17.54 -17.18
C THR D 140 -11.25 18.61 -18.26
N LEU D 141 -10.15 19.35 -18.30
CA LEU D 141 -9.97 20.42 -19.27
C LEU D 141 -9.26 19.90 -20.52
N ASN D 142 -9.29 20.66 -21.60
CA ASN D 142 -8.51 20.31 -22.77
C ASN D 142 -7.12 20.95 -22.72
N ARG D 143 -6.27 20.64 -23.69
CA ARG D 143 -4.89 21.11 -23.70
C ARG D 143 -4.80 22.62 -23.85
N SER D 144 -5.70 23.20 -24.63
CA SER D 144 -5.68 24.64 -24.83
C SER D 144 -5.89 25.33 -23.50
N GLU D 145 -6.84 24.84 -22.73
CA GLU D 145 -7.15 25.39 -21.42
C GLU D 145 -6.00 25.26 -20.44
N ARG D 146 -5.38 24.08 -20.39
CA ARG D 146 -4.23 23.88 -19.52
C ARG D 146 -3.03 24.73 -19.94
N ASP D 147 -2.90 25.00 -21.24
CA ASP D 147 -1.84 25.89 -21.72
C ASP D 147 -2.00 27.29 -21.16
N ILE D 148 -3.23 27.79 -21.20
CA ILE D 148 -3.57 29.10 -20.66
C ILE D 148 -3.30 29.21 -19.15
N LEU D 149 -3.71 28.19 -18.40
CA LEU D 149 -3.51 28.17 -16.95
C LEU D 149 -2.01 28.05 -16.56
N ARG D 150 -1.23 27.38 -17.41
CA ARG D 150 0.22 27.29 -17.23
C ARG D 150 0.83 28.69 -17.31
N SER D 151 0.45 29.41 -18.37
CA SER D 151 0.93 30.77 -18.58
C SER D 151 0.48 31.69 -17.46
N ALA D 152 -0.77 31.53 -17.05
CA ALA D 152 -1.35 32.34 -16.00
C ALA D 152 -0.69 32.10 -14.64
N ALA D 153 -0.41 30.83 -14.34
CA ALA D 153 0.26 30.48 -13.10
C ALA D 153 1.65 31.12 -13.05
N ASP D 154 2.38 31.05 -14.15
CA ASP D 154 3.71 31.64 -14.19
C ASP D 154 3.61 33.15 -13.97
N LEU D 155 2.66 33.79 -14.67
CA LEU D 155 2.45 35.23 -14.55
C LEU D 155 2.04 35.64 -13.14
N MET D 156 1.15 34.86 -12.53
CA MET D 156 0.67 35.17 -11.19
C MET D 156 1.77 35.02 -10.14
N LEU D 157 2.62 34.01 -10.30
CA LEU D 157 3.77 33.86 -9.42
C LEU D 157 4.71 35.06 -9.56
N ALA D 158 4.90 35.52 -10.79
CA ALA D 158 5.75 36.68 -11.07
C ALA D 158 5.19 37.97 -10.46
N LEU D 159 3.87 38.09 -10.48
CA LEU D 159 3.20 39.27 -9.92
C LEU D 159 3.45 39.46 -8.42
N VAL D 160 3.50 38.37 -7.68
CA VAL D 160 3.70 38.45 -6.24
C VAL D 160 5.13 38.13 -5.82
N ASP D 161 6.05 38.11 -6.78
CA ASP D 161 7.43 37.85 -6.44
C ASP D 161 7.88 39.03 -5.58
N GLU D 162 8.25 38.76 -4.33
CA GLU D 162 8.50 39.83 -3.37
C GLU D 162 9.85 40.54 -3.51
N SER D 163 10.96 39.81 -3.40
CA SER D 163 12.26 40.47 -3.54
C SER D 163 12.52 40.76 -5.04
N PRO D 164 12.50 39.74 -5.93
CA PRO D 164 12.65 40.24 -7.30
C PRO D 164 11.43 41.05 -7.75
N SER E 25 0.29 -53.49 0.02
CA SER E 25 -0.41 -52.45 -0.73
C SER E 25 0.55 -51.35 -1.15
N ASP E 26 0.35 -50.83 -2.37
CA ASP E 26 1.18 -49.75 -2.87
C ASP E 26 0.83 -48.39 -2.27
N ALA E 27 -0.41 -48.24 -1.83
CA ALA E 27 -0.85 -47.00 -1.19
C ALA E 27 -0.12 -46.76 0.14
N ARG E 28 -0.04 -47.78 0.96
CA ARG E 28 0.60 -47.64 2.27
C ARG E 28 2.12 -47.51 2.13
N LEU E 29 2.67 -48.06 1.06
CA LEU E 29 4.11 -47.94 0.84
C LEU E 29 4.43 -46.55 0.37
N ALA E 30 3.48 -45.94 -0.34
CA ALA E 30 3.65 -44.60 -0.85
C ALA E 30 3.59 -43.62 0.30
N SER E 31 2.65 -43.86 1.21
CA SER E 31 2.50 -43.03 2.39
C SER E 31 3.76 -43.11 3.27
N ASP E 32 4.17 -44.33 3.60
CA ASP E 32 5.32 -44.52 4.48
C ASP E 32 6.64 -44.05 3.85
N LEU E 33 6.83 -44.34 2.56
CA LEU E 33 8.07 -43.94 1.88
C LEU E 33 8.16 -42.43 1.75
N SER E 34 7.05 -41.79 1.39
CA SER E 34 7.00 -40.34 1.30
C SER E 34 7.34 -39.72 2.65
N LEU E 35 6.68 -40.20 3.71
CA LEU E 35 6.94 -39.70 5.07
C LEU E 35 8.40 -39.84 5.46
N ALA E 36 8.97 -41.01 5.22
CA ALA E 36 10.37 -41.29 5.56
C ALA E 36 11.33 -40.31 4.89
N VAL E 37 11.12 -40.10 3.60
CA VAL E 37 11.95 -39.19 2.82
C VAL E 37 11.73 -37.73 3.22
N MET E 38 10.49 -37.34 3.50
CA MET E 38 10.23 -35.96 3.91
C MET E 38 10.82 -35.64 5.28
N ARG E 39 10.71 -36.58 6.22
CA ARG E 39 11.23 -36.38 7.56
C ARG E 39 12.74 -36.31 7.55
N LEU E 40 13.32 -37.20 6.76
CA LEU E 40 14.77 -37.28 6.67
C LEU E 40 15.31 -36.03 6.00
N SER E 41 14.62 -35.57 4.96
CA SER E 41 15.05 -34.36 4.26
C SER E 41 14.99 -33.14 5.15
N ARG E 42 13.96 -33.07 5.99
CA ARG E 42 13.82 -32.02 6.98
C ARG E 42 15.03 -32.03 7.91
N GLN E 43 15.39 -33.22 8.38
CA GLN E 43 16.54 -33.39 9.26
C GLN E 43 17.86 -32.96 8.62
N LEU E 44 17.97 -33.17 7.31
CA LEU E 44 19.17 -32.87 6.53
C LEU E 44 19.37 -31.40 6.13
N ARG E 45 18.41 -30.53 6.47
CA ARG E 45 18.47 -29.14 6.03
C ARG E 45 19.68 -28.38 6.57
N PHE E 46 20.45 -27.83 5.65
CA PHE E 46 21.65 -27.01 5.92
C PHE E 46 21.38 -25.61 6.50
N ARG E 47 22.02 -25.32 7.63
CA ARG E 47 21.96 -23.99 8.23
C ARG E 47 23.27 -23.29 7.91
N ASN E 48 23.29 -22.40 6.93
CA ASN E 48 24.52 -21.66 6.65
C ASN E 48 24.70 -20.58 7.71
N PRO E 49 25.84 -20.61 8.43
CA PRO E 49 25.98 -19.74 9.60
C PRO E 49 26.10 -18.19 9.42
N SER E 50 26.98 -17.65 8.58
CA SER E 50 27.17 -16.18 8.53
C SER E 50 26.29 -15.42 7.53
N SER E 51 25.88 -16.10 6.45
CA SER E 51 24.86 -15.58 5.56
C SER E 51 23.87 -16.70 5.42
N PRO E 52 22.62 -16.40 5.73
CA PRO E 52 21.60 -17.44 5.67
C PRO E 52 21.03 -17.63 4.27
N VAL E 53 20.86 -18.89 3.89
CA VAL E 53 20.23 -19.17 2.62
C VAL E 53 19.03 -20.05 2.97
N SER E 54 17.91 -19.71 2.36
CA SER E 54 16.69 -20.47 2.56
C SER E 54 16.76 -21.77 1.81
N LEU E 55 15.79 -22.64 2.04
CA LEU E 55 15.70 -23.91 1.36
C LEU E 55 15.60 -23.70 -0.15
N SER E 56 14.82 -22.70 -0.55
CA SER E 56 14.63 -22.41 -1.96
C SER E 56 15.90 -21.84 -2.60
N GLN E 57 16.60 -20.96 -1.88
CA GLN E 57 17.87 -20.44 -2.38
C GLN E 57 18.93 -21.54 -2.53
N LEU E 58 19.03 -22.41 -1.53
CA LEU E 58 19.99 -23.51 -1.58
C LEU E 58 19.66 -24.49 -2.70
N SER E 59 18.38 -24.76 -2.88
CA SER E 59 17.93 -25.67 -3.94
C SER E 59 18.30 -25.16 -5.32
N ALA E 60 18.03 -23.87 -5.55
CA ALA E 60 18.35 -23.24 -6.83
C ALA E 60 19.85 -23.26 -7.08
N LEU E 61 20.61 -22.96 -6.03
CA LEU E 61 22.06 -22.94 -6.10
C LEU E 61 22.62 -24.32 -6.40
N THR E 62 22.05 -25.32 -5.75
CA THR E 62 22.48 -26.70 -5.92
C THR E 62 22.22 -27.17 -7.33
N THR E 63 21.02 -26.88 -7.86
CA THR E 63 20.68 -27.22 -9.23
C THR E 63 21.65 -26.57 -10.20
N LEU E 64 21.90 -25.27 -9.99
CA LEU E 64 22.82 -24.52 -10.84
C LEU E 64 24.22 -25.11 -10.84
N ALA E 65 24.70 -25.54 -9.69
CA ALA E 65 26.05 -26.08 -9.59
C ALA E 65 26.15 -27.45 -10.26
N ASN E 66 25.11 -28.27 -10.08
CA ASN E 66 25.12 -29.64 -10.58
C ASN E 66 24.80 -29.75 -12.07
N GLU E 67 24.03 -28.80 -12.58
CA GLU E 67 23.56 -28.88 -13.96
C GLU E 67 24.31 -27.92 -14.85
N GLY E 68 24.93 -26.91 -14.26
CA GLY E 68 25.77 -26.00 -15.01
C GLY E 68 25.09 -24.71 -15.40
N ALA E 69 25.83 -23.83 -16.08
CA ALA E 69 25.29 -22.56 -16.55
C ALA E 69 24.00 -22.76 -17.32
N MET E 70 23.01 -21.90 -17.04
CA MET E 70 21.73 -21.91 -17.74
C MET E 70 21.08 -20.54 -17.63
N THR E 71 19.94 -20.38 -18.29
CA THR E 71 19.19 -19.14 -18.20
C THR E 71 18.34 -19.14 -16.93
N PRO E 72 17.98 -17.94 -16.43
CA PRO E 72 17.08 -17.84 -15.28
C PRO E 72 15.77 -18.55 -15.56
N GLY E 73 15.30 -18.46 -16.80
CA GLY E 73 14.08 -19.13 -17.18
C GLY E 73 14.24 -20.64 -17.06
N ALA E 74 15.38 -21.14 -17.50
CA ALA E 74 15.67 -22.57 -17.44
C ALA E 74 15.73 -23.06 -15.99
N LEU E 75 16.37 -22.27 -15.14
CA LEU E 75 16.47 -22.61 -13.72
C LEU E 75 15.08 -22.64 -13.07
N ALA E 76 14.24 -21.66 -13.40
CA ALA E 76 12.89 -21.58 -12.86
C ALA E 76 12.03 -22.81 -13.21
N ILE E 77 12.09 -23.23 -14.47
CA ILE E 77 11.36 -24.43 -14.87
C ILE E 77 11.93 -25.66 -14.16
N ARG E 78 13.25 -25.72 -14.09
CA ARG E 78 13.94 -26.86 -13.50
C ARG E 78 13.57 -26.96 -12.02
N GLU E 79 13.42 -25.79 -11.39
CA GLU E 79 13.04 -25.71 -9.97
C GLU E 79 11.54 -25.72 -9.80
N ARG E 80 10.82 -25.56 -10.91
CA ARG E 80 9.36 -25.54 -10.90
C ARG E 80 8.90 -24.37 -10.04
N VAL E 81 9.57 -23.24 -10.25
CA VAL E 81 9.21 -21.99 -9.59
C VAL E 81 8.83 -21.05 -10.70
N ARG E 82 7.93 -20.10 -10.41
CA ARG E 82 7.49 -19.17 -11.44
C ARG E 82 8.61 -18.14 -11.67
N PRO E 83 8.83 -17.75 -12.93
CA PRO E 83 9.97 -16.88 -13.32
C PRO E 83 10.19 -15.59 -12.50
N PRO E 84 9.12 -14.86 -12.11
CA PRO E 84 9.39 -13.68 -11.30
C PRO E 84 10.03 -14.02 -9.95
N SER E 85 9.53 -15.07 -9.31
CA SER E 85 10.09 -15.52 -8.04
C SER E 85 11.54 -15.96 -8.18
N MET E 86 11.84 -16.71 -9.25
CA MET E 86 13.18 -17.22 -9.46
C MET E 86 14.17 -16.10 -9.76
N THR E 87 13.72 -15.09 -10.50
CA THR E 87 14.58 -13.95 -10.79
C THR E 87 15.01 -13.26 -9.49
N ARG E 88 14.11 -13.23 -8.50
CA ARG E 88 14.47 -12.64 -7.22
C ARG E 88 15.39 -13.55 -6.40
N VAL E 89 15.17 -14.86 -6.48
CA VAL E 89 16.06 -15.84 -5.84
C VAL E 89 17.47 -15.70 -6.36
N ILE E 90 17.60 -15.69 -7.69
CA ILE E 90 18.89 -15.55 -8.35
C ILE E 90 19.58 -14.25 -7.94
N ALA E 91 18.83 -13.16 -7.94
CA ALA E 91 19.39 -11.86 -7.53
C ALA E 91 19.93 -11.88 -6.11
N SER E 92 19.17 -12.51 -5.21
CA SER E 92 19.59 -12.61 -3.80
C SER E 92 20.87 -13.43 -3.68
N LEU E 93 20.96 -14.52 -4.45
CA LEU E 93 22.18 -15.33 -4.43
C LEU E 93 23.38 -14.55 -4.95
N ALA E 94 23.14 -13.73 -5.97
CA ALA E 94 24.17 -12.89 -6.54
C ALA E 94 24.66 -11.86 -5.51
N ASP E 95 23.72 -11.26 -4.80
CA ASP E 95 24.04 -10.35 -3.69
C ASP E 95 25.02 -10.99 -2.70
N MET E 96 24.81 -12.26 -2.36
CA MET E 96 25.71 -12.94 -1.43
C MET E 96 26.95 -13.47 -2.15
N GLY E 97 27.04 -13.23 -3.45
CA GLY E 97 28.20 -13.61 -4.23
C GLY E 97 28.29 -15.09 -4.52
N PHE E 98 27.15 -15.77 -4.53
CA PHE E 98 27.14 -17.22 -4.76
C PHE E 98 26.86 -17.56 -6.23
N VAL E 99 26.37 -16.61 -7.01
CA VAL E 99 26.21 -16.83 -8.45
C VAL E 99 26.76 -15.68 -9.29
N ASP E 100 27.41 -16.06 -10.39
CA ASP E 100 27.87 -15.13 -11.42
C ASP E 100 26.84 -14.97 -12.54
N ARG E 101 26.83 -13.81 -13.17
CA ARG E 101 25.99 -13.57 -14.33
C ARG E 101 26.69 -12.73 -15.39
N VAL E 111 23.27 -13.55 -20.22
CA VAL E 111 21.94 -13.93 -19.78
C VAL E 111 22.01 -15.30 -19.11
N LEU E 112 23.21 -15.85 -19.07
CA LEU E 112 23.42 -17.12 -18.40
C LEU E 112 23.90 -16.94 -16.95
N VAL E 113 23.36 -17.75 -16.05
CA VAL E 113 23.79 -17.72 -14.66
C VAL E 113 24.53 -18.99 -14.30
N SER E 114 25.58 -18.85 -13.50
CA SER E 114 26.36 -19.97 -13.02
C SER E 114 26.78 -19.72 -11.59
N VAL E 115 27.11 -20.78 -10.86
CA VAL E 115 27.58 -20.63 -9.49
C VAL E 115 28.99 -20.05 -9.47
N SER E 116 29.27 -19.22 -8.48
CA SER E 116 30.62 -18.75 -8.29
C SER E 116 31.35 -19.86 -7.57
N GLU E 117 32.64 -19.69 -7.31
CA GLU E 117 33.36 -20.75 -6.63
C GLU E 117 32.90 -20.79 -5.17
N SER E 118 32.55 -19.63 -4.61
CA SER E 118 32.05 -19.60 -3.24
C SER E 118 30.68 -20.28 -3.18
N GLY E 119 29.90 -20.10 -4.25
CA GLY E 119 28.60 -20.75 -4.36
C GLY E 119 28.78 -22.27 -4.43
N ALA E 120 29.73 -22.68 -5.27
CA ALA E 120 30.06 -24.10 -5.41
C ALA E 120 30.52 -24.69 -4.08
N GLU E 121 31.33 -23.92 -3.35
CA GLU E 121 31.82 -24.36 -2.04
C GLU E 121 30.67 -24.53 -1.03
N LEU E 122 29.73 -23.60 -1.06
CA LEU E 122 28.52 -23.71 -0.24
C LEU E 122 27.75 -24.99 -0.53
N VAL E 123 27.57 -25.27 -1.82
CA VAL E 123 26.85 -26.48 -2.23
C VAL E 123 27.58 -27.72 -1.71
N LYS E 124 28.91 -27.71 -1.83
CA LYS E 124 29.74 -28.82 -1.36
C LYS E 124 29.70 -28.95 0.16
N ALA E 125 29.67 -27.81 0.85
CA ALA E 125 29.57 -27.81 2.31
C ALA E 125 28.25 -28.44 2.75
N ALA E 126 27.16 -28.05 2.09
CA ALA E 126 25.85 -28.59 2.41
C ALA E 126 25.82 -30.10 2.19
N ARG E 127 26.37 -30.54 1.06
CA ARG E 127 26.42 -31.96 0.75
C ARG E 127 27.26 -32.74 1.76
N ARG E 128 28.39 -32.18 2.16
CA ARG E 128 29.24 -32.81 3.16
C ARG E 128 28.53 -32.96 4.50
N ALA E 129 27.81 -31.91 4.92
CA ALA E 129 27.08 -31.93 6.18
C ALA E 129 26.00 -33.02 6.22
N ARG E 130 25.25 -33.12 5.14
CA ARG E 130 24.22 -34.13 5.04
C ARG E 130 24.86 -35.50 5.13
N GLN E 131 25.94 -35.68 4.39
CA GLN E 131 26.60 -36.97 4.24
C GLN E 131 27.22 -37.45 5.56
N GLU E 132 27.86 -36.56 6.31
CA GLU E 132 28.50 -36.94 7.57
C GLU E 132 27.48 -37.29 8.66
N TRP E 133 26.39 -36.53 8.72
CA TRP E 133 25.33 -36.85 9.68
C TRP E 133 24.80 -38.24 9.41
N LEU E 134 24.49 -38.50 8.16
CA LEU E 134 23.92 -39.75 7.72
C LEU E 134 24.91 -40.90 7.95
N ALA E 135 26.19 -40.64 7.71
CA ALA E 135 27.22 -41.67 7.89
C ALA E 135 27.30 -42.18 9.33
N GLU E 136 27.20 -41.28 10.30
CA GLU E 136 27.20 -41.66 11.71
C GLU E 136 26.01 -42.55 12.10
N ARG E 137 24.82 -42.20 11.61
CA ARG E 137 23.62 -42.99 11.93
C ARG E 137 23.64 -44.37 11.27
N LEU E 138 24.08 -44.41 10.02
CA LEU E 138 24.10 -45.65 9.25
C LEU E 138 25.05 -46.69 9.83
N ALA E 139 26.12 -46.23 10.47
CA ALA E 139 27.10 -47.14 11.05
C ALA E 139 26.52 -47.98 12.18
N THR E 140 25.38 -47.55 12.71
CA THR E 140 24.70 -48.27 13.79
C THR E 140 23.73 -49.32 13.26
N LEU E 141 23.58 -49.40 11.93
CA LEU E 141 22.72 -50.45 11.37
C LEU E 141 23.59 -51.65 11.02
N ASN E 142 22.98 -52.82 10.87
CA ASN E 142 23.75 -54.00 10.52
C ASN E 142 23.92 -54.10 9.01
N ARG E 143 24.67 -55.11 8.56
CA ARG E 143 25.01 -55.23 7.15
C ARG E 143 23.76 -55.50 6.30
N SER E 144 22.84 -56.28 6.85
CA SER E 144 21.59 -56.59 6.14
C SER E 144 20.79 -55.32 5.88
N GLU E 145 20.70 -54.50 6.92
CA GLU E 145 19.98 -53.24 6.85
C GLU E 145 20.68 -52.25 5.90
N ARG E 146 22.00 -52.21 5.99
CA ARG E 146 22.80 -51.35 5.14
C ARG E 146 22.67 -51.74 3.68
N ASP E 147 22.61 -53.04 3.41
CA ASP E 147 22.41 -53.55 2.06
C ASP E 147 21.06 -53.12 1.49
N ILE E 148 20.03 -53.21 2.33
CA ILE E 148 18.68 -52.79 1.92
C ILE E 148 18.66 -51.32 1.51
N LEU E 149 19.26 -50.46 2.32
CA LEU E 149 19.30 -49.03 2.02
C LEU E 149 20.12 -48.74 0.76
N ARG E 150 21.16 -49.53 0.53
CA ARG E 150 21.96 -49.39 -0.69
C ARG E 150 21.11 -49.70 -1.93
N SER E 151 20.38 -50.82 -1.91
CA SER E 151 19.48 -51.14 -3.01
C SER E 151 18.38 -50.10 -3.17
N ALA E 152 17.85 -49.61 -2.05
CA ALA E 152 16.79 -48.62 -2.04
C ALA E 152 17.22 -47.27 -2.61
N ALA E 153 18.47 -46.88 -2.37
CA ALA E 153 18.98 -45.61 -2.89
C ALA E 153 18.91 -45.58 -4.41
N ASP E 154 19.32 -46.68 -5.05
CA ASP E 154 19.24 -46.81 -6.50
C ASP E 154 17.79 -46.82 -6.99
N LEU E 155 16.92 -47.55 -6.29
CA LEU E 155 15.51 -47.61 -6.66
C LEU E 155 14.85 -46.23 -6.57
N MET E 156 15.19 -45.47 -5.53
CA MET E 156 14.60 -44.15 -5.34
C MET E 156 15.00 -43.18 -6.46
N LEU E 157 16.23 -43.30 -6.93
CA LEU E 157 16.69 -42.55 -8.10
C LEU E 157 15.94 -43.00 -9.35
N ALA E 158 15.70 -44.30 -9.47
CA ALA E 158 14.95 -44.84 -10.61
C ALA E 158 13.53 -44.29 -10.60
N LEU E 159 12.96 -44.14 -9.41
CA LEU E 159 11.59 -43.64 -9.28
C LEU E 159 11.43 -42.24 -9.90
N VAL E 160 12.45 -41.40 -9.78
CA VAL E 160 12.39 -40.06 -10.35
C VAL E 160 13.06 -39.98 -11.73
N ASP E 161 13.30 -41.14 -12.33
CA ASP E 161 13.89 -41.24 -13.67
C ASP E 161 15.32 -40.68 -13.70
N GLU E 162 16.05 -40.87 -12.61
CA GLU E 162 17.38 -40.30 -12.54
C GLU E 162 18.46 -41.34 -12.33
N SER E 163 18.30 -42.51 -12.94
CA SER E 163 19.30 -43.56 -12.83
C SER E 163 20.50 -43.18 -13.69
N PRO E 164 21.69 -43.72 -13.36
CA PRO E 164 22.88 -43.43 -14.17
C PRO E 164 22.96 -44.25 -15.45
N ALA F 27 30.06 -48.00 2.29
CA ALA F 27 30.96 -46.87 2.51
C ALA F 27 30.47 -45.65 1.75
N ARG F 28 30.16 -45.87 0.47
CA ARG F 28 29.60 -44.86 -0.42
C ARG F 28 28.14 -44.62 -0.07
N LEU F 29 27.60 -45.46 0.79
CA LEU F 29 26.17 -45.45 1.09
C LEU F 29 25.63 -44.20 1.77
N ALA F 30 26.48 -43.43 2.45
CA ALA F 30 25.96 -42.21 3.04
C ALA F 30 25.76 -41.19 1.92
N SER F 31 26.73 -41.14 1.02
CA SER F 31 26.69 -40.21 -0.12
C SER F 31 25.51 -40.49 -1.04
N ASP F 32 25.37 -41.74 -1.44
CA ASP F 32 24.31 -42.13 -2.37
C ASP F 32 22.91 -42.03 -1.75
N LEU F 33 22.77 -42.42 -0.48
CA LEU F 33 21.47 -42.38 0.18
C LEU F 33 21.04 -40.93 0.37
N SER F 34 21.99 -40.07 0.75
CA SER F 34 21.71 -38.65 0.86
C SER F 34 21.17 -38.09 -0.46
N LEU F 35 21.86 -38.40 -1.54
CA LEU F 35 21.43 -37.96 -2.87
C LEU F 35 20.03 -38.44 -3.22
N ALA F 36 19.78 -39.74 -3.02
CA ALA F 36 18.49 -40.34 -3.30
C ALA F 36 17.38 -39.66 -2.53
N VAL F 37 17.63 -39.41 -1.24
CA VAL F 37 16.62 -38.77 -0.42
C VAL F 37 16.34 -37.35 -0.89
N MET F 38 17.39 -36.62 -1.24
CA MET F 38 17.24 -35.24 -1.72
C MET F 38 16.50 -35.19 -3.07
N ARG F 39 16.84 -36.13 -3.94
CA ARG F 39 16.24 -36.17 -5.27
C ARG F 39 14.78 -36.59 -5.23
N LEU F 40 14.44 -37.57 -4.39
CA LEU F 40 13.04 -37.98 -4.27
C LEU F 40 12.22 -36.93 -3.52
N SER F 41 12.76 -36.39 -2.41
CA SER F 41 12.01 -35.39 -1.65
C SER F 41 11.79 -34.14 -2.49
N ARG F 42 12.75 -33.82 -3.34
CA ARG F 42 12.60 -32.70 -4.26
C ARG F 42 11.34 -32.83 -5.13
N GLN F 43 11.15 -34.01 -5.72
CA GLN F 43 9.96 -34.28 -6.52
C GLN F 43 8.70 -34.29 -5.68
N LEU F 44 8.79 -34.74 -4.43
CA LEU F 44 7.60 -34.83 -3.60
C LEU F 44 7.14 -33.47 -3.13
N ARG F 45 8.08 -32.53 -3.02
CA ARG F 45 7.74 -31.16 -2.63
C ARG F 45 7.03 -30.52 -3.81
N PHE F 46 7.43 -30.91 -5.01
CA PHE F 46 6.82 -30.42 -6.25
C PHE F 46 5.36 -30.80 -6.40
N ARG F 47 4.91 -31.84 -5.70
CA ARG F 47 3.52 -32.23 -5.86
C ARG F 47 2.68 -31.68 -4.72
N ASN F 48 3.18 -30.64 -4.07
CA ASN F 48 2.41 -29.91 -3.08
C ASN F 48 1.46 -28.97 -3.81
N PRO F 49 0.16 -29.05 -3.52
CA PRO F 49 -0.82 -28.28 -4.32
C PRO F 49 -0.57 -26.77 -4.18
N SER F 50 -0.96 -25.97 -5.17
CA SER F 50 -0.62 -24.56 -5.15
C SER F 50 -1.72 -23.62 -5.62
N SER F 51 -1.85 -22.46 -4.98
CA SER F 51 -1.21 -22.20 -3.68
C SER F 51 -2.06 -21.41 -2.71
N PRO F 52 -2.43 -22.07 -1.63
CA PRO F 52 -3.02 -21.37 -0.49
C PRO F 52 -1.87 -20.87 0.39
N VAL F 53 -0.87 -21.72 0.64
CA VAL F 53 0.31 -21.35 1.43
C VAL F 53 1.61 -21.61 0.70
N SER F 54 2.69 -20.97 1.15
CA SER F 54 4.01 -21.22 0.57
C SER F 54 4.52 -22.59 0.98
N LEU F 55 5.59 -23.04 0.34
CA LEU F 55 6.21 -24.33 0.66
C LEU F 55 6.74 -24.38 2.09
N SER F 56 7.37 -23.30 2.55
CA SER F 56 7.91 -23.29 3.92
C SER F 56 6.77 -23.24 4.94
N GLN F 57 5.71 -22.50 4.62
CA GLN F 57 4.54 -22.43 5.48
C GLN F 57 3.89 -23.81 5.57
N LEU F 58 3.82 -24.50 4.43
CA LEU F 58 3.26 -25.86 4.40
C LEU F 58 4.09 -26.82 5.23
N SER F 59 5.41 -26.71 5.12
CA SER F 59 6.31 -27.57 5.88
C SER F 59 6.10 -27.38 7.37
N ALA F 60 6.00 -26.12 7.79
CA ALA F 60 5.77 -25.79 9.20
C ALA F 60 4.44 -26.34 9.68
N LEU F 61 3.44 -26.22 8.83
CA LEU F 61 2.08 -26.68 9.11
C LEU F 61 2.07 -28.20 9.25
N THR F 62 2.80 -28.88 8.38
CA THR F 62 2.89 -30.34 8.39
C THR F 62 3.55 -30.83 9.68
N THR F 63 4.65 -30.18 10.07
CA THR F 63 5.33 -30.51 11.32
C THR F 63 4.41 -30.34 12.53
N LEU F 64 3.70 -29.23 12.55
CA LEU F 64 2.76 -28.92 13.62
C LEU F 64 1.65 -29.98 13.69
N ALA F 65 1.20 -30.44 12.54
CA ALA F 65 0.13 -31.42 12.45
C ALA F 65 0.57 -32.82 12.87
N ASN F 66 1.78 -33.20 12.47
CA ASN F 66 2.28 -34.55 12.74
C ASN F 66 2.81 -34.69 14.16
N GLU F 67 3.30 -33.58 14.72
CA GLU F 67 3.97 -33.66 16.00
C GLU F 67 3.18 -33.03 17.13
N GLY F 68 2.22 -32.19 16.79
CA GLY F 68 1.32 -31.60 17.78
C GLY F 68 1.75 -30.19 18.14
N ALA F 69 0.95 -29.56 18.99
CA ALA F 69 1.18 -28.20 19.46
C ALA F 69 2.57 -27.95 20.03
N MET F 70 3.18 -26.83 19.67
CA MET F 70 4.46 -26.43 20.23
C MET F 70 4.64 -24.92 20.15
N THR F 71 5.74 -24.43 20.71
CA THR F 71 6.10 -23.02 20.68
C THR F 71 6.78 -22.68 19.35
N PRO F 72 6.76 -21.39 18.95
CA PRO F 72 7.47 -20.98 17.72
C PRO F 72 8.94 -21.33 17.72
N GLY F 73 9.59 -21.24 18.87
CA GLY F 73 11.00 -21.58 18.97
C GLY F 73 11.24 -23.05 18.67
N ALA F 74 10.37 -23.90 19.21
CA ALA F 74 10.49 -25.34 19.00
C ALA F 74 10.26 -25.69 17.53
N LEU F 75 9.26 -25.05 16.94
CA LEU F 75 8.95 -25.26 15.53
C LEU F 75 10.12 -24.83 14.67
N ALA F 76 10.72 -23.70 15.02
CA ALA F 76 11.87 -23.17 14.31
C ALA F 76 13.02 -24.18 14.32
N ILE F 77 13.23 -24.80 15.47
CA ILE F 77 14.29 -25.79 15.62
C ILE F 77 14.04 -26.98 14.72
N ARG F 78 12.81 -27.48 14.74
CA ARG F 78 12.44 -28.64 13.92
C ARG F 78 12.49 -28.32 12.44
N GLU F 79 12.16 -27.07 12.09
CA GLU F 79 12.17 -26.66 10.69
C GLU F 79 13.58 -26.22 10.27
N ARG F 80 14.46 -26.09 11.26
CA ARG F 80 15.86 -25.71 11.05
C ARG F 80 15.97 -24.30 10.45
N VAL F 81 15.12 -23.40 10.93
CA VAL F 81 15.16 -21.98 10.60
C VAL F 81 15.30 -21.16 11.89
N ARG F 82 15.83 -19.94 11.80
CA ARG F 82 15.98 -19.11 12.99
C ARG F 82 14.60 -18.61 13.44
N PRO F 83 14.39 -18.54 14.76
CA PRO F 83 13.10 -18.21 15.38
C PRO F 83 12.37 -16.93 14.89
N PRO F 84 13.09 -15.81 14.61
CA PRO F 84 12.31 -14.67 14.11
C PRO F 84 11.59 -14.97 12.79
N SER F 85 12.25 -15.65 11.88
CA SER F 85 11.61 -16.01 10.61
C SER F 85 10.41 -16.93 10.81
N MET F 86 10.54 -17.91 11.70
CA MET F 86 9.44 -18.84 11.96
C MET F 86 8.27 -18.11 12.59
N THR F 87 8.57 -17.11 13.41
CA THR F 87 7.53 -16.31 14.04
C THR F 87 6.68 -15.61 12.96
N ARG F 88 7.32 -15.20 11.87
CA ARG F 88 6.58 -14.58 10.77
C ARG F 88 5.85 -15.62 9.92
N VAL F 89 6.43 -16.82 9.79
CA VAL F 89 5.74 -17.92 9.11
C VAL F 89 4.43 -18.23 9.82
N ILE F 90 4.52 -18.41 11.13
CA ILE F 90 3.37 -18.70 11.97
C ILE F 90 2.30 -17.60 11.89
N ALA F 91 2.75 -16.35 11.94
CA ALA F 91 1.85 -15.20 11.86
C ALA F 91 1.06 -15.21 10.55
N SER F 92 1.75 -15.54 9.46
CA SER F 92 1.11 -15.62 8.15
C SER F 92 0.07 -16.72 8.14
N LEU F 93 0.40 -17.85 8.76
CA LEU F 93 -0.52 -18.97 8.87
C LEU F 93 -1.74 -18.60 9.71
N ALA F 94 -1.50 -17.86 10.79
CA ALA F 94 -2.56 -17.41 11.68
C ALA F 94 -3.54 -16.49 10.97
N ASP F 95 -3.00 -15.52 10.21
CA ASP F 95 -3.78 -14.61 9.39
C ASP F 95 -4.76 -15.35 8.48
N MET F 96 -4.30 -16.45 7.90
CA MET F 96 -5.13 -17.26 7.01
C MET F 96 -5.95 -18.29 7.79
N GLY F 97 -5.79 -18.30 9.11
CA GLY F 97 -6.57 -19.18 9.99
C GLY F 97 -6.18 -20.65 9.97
N PHE F 98 -4.92 -20.93 9.65
CA PHE F 98 -4.45 -22.31 9.53
C PHE F 98 -3.80 -22.81 10.81
N VAL F 99 -3.48 -21.89 11.71
CA VAL F 99 -3.01 -22.25 13.04
C VAL F 99 -3.77 -21.45 14.08
N ASP F 100 -4.06 -22.11 15.21
CA ASP F 100 -4.62 -21.40 16.35
C ASP F 100 -3.49 -20.98 17.28
N ARG F 101 -3.81 -20.17 18.28
CA ARG F 101 -2.85 -19.79 19.32
C ARG F 101 -3.55 -19.84 20.66
N ALA F 102 -2.81 -20.19 21.70
CA ALA F 102 -3.39 -20.28 23.03
C ALA F 102 -2.49 -19.64 24.07
N PRO F 103 -3.00 -18.59 24.75
CA PRO F 103 -2.29 -17.88 25.81
C PRO F 103 -2.12 -18.73 27.07
N GLN F 110 3.18 -20.02 27.91
CA GLN F 110 3.45 -18.99 26.92
C GLN F 110 2.43 -19.16 25.76
N VAL F 111 2.83 -18.89 24.52
CA VAL F 111 1.89 -19.05 23.40
C VAL F 111 2.20 -20.34 22.63
N LEU F 112 1.37 -21.35 22.82
CA LEU F 112 1.55 -22.61 22.08
C LEU F 112 0.69 -22.55 20.84
N VAL F 113 1.26 -22.96 19.71
CA VAL F 113 0.53 -22.96 18.45
C VAL F 113 0.26 -24.37 17.93
N SER F 114 -0.92 -24.56 17.35
CA SER F 114 -1.30 -25.84 16.78
C SER F 114 -2.04 -25.60 15.48
N VAL F 115 -2.13 -26.61 14.63
CA VAL F 115 -2.88 -26.48 13.40
C VAL F 115 -4.38 -26.43 13.69
N SER F 116 -5.09 -25.61 12.93
CA SER F 116 -6.55 -25.56 12.99
C SER F 116 -7.12 -26.69 12.14
N GLU F 117 -8.44 -26.79 12.03
CA GLU F 117 -9.02 -27.86 11.22
C GLU F 117 -8.75 -27.58 9.74
N SER F 118 -8.77 -26.31 9.37
CA SER F 118 -8.47 -25.93 8.00
C SER F 118 -7.00 -26.15 7.71
N GLY F 119 -6.15 -25.92 8.72
CA GLY F 119 -4.72 -26.15 8.59
C GLY F 119 -4.46 -27.62 8.35
N ALA F 120 -5.11 -28.46 9.16
CA ALA F 120 -5.01 -29.91 9.04
C ALA F 120 -5.45 -30.37 7.65
N GLU F 121 -6.49 -29.74 7.11
CA GLU F 121 -7.01 -30.05 5.78
C GLU F 121 -6.00 -29.78 4.67
N LEU F 122 -5.26 -28.68 4.76
CA LEU F 122 -4.17 -28.41 3.83
C LEU F 122 -3.08 -29.48 3.88
N VAL F 123 -2.67 -29.84 5.10
CA VAL F 123 -1.63 -30.85 5.29
C VAL F 123 -1.99 -32.21 4.71
N LYS F 124 -3.22 -32.68 4.93
CA LYS F 124 -3.60 -33.97 4.36
C LYS F 124 -3.74 -33.86 2.85
N ALA F 125 -4.23 -32.73 2.35
CA ALA F 125 -4.35 -32.58 0.90
C ALA F 125 -2.97 -32.71 0.25
N ALA F 126 -1.99 -32.01 0.81
CA ALA F 126 -0.62 -32.10 0.32
C ALA F 126 -0.09 -33.53 0.47
N ARG F 127 -0.33 -34.16 1.62
CA ARG F 127 0.13 -35.53 1.83
C ARG F 127 -0.56 -36.51 0.86
N ARG F 128 -1.85 -36.30 0.63
CA ARG F 128 -2.59 -37.13 -0.32
C ARG F 128 -2.02 -37.02 -1.74
N ALA F 129 -1.67 -35.80 -2.15
CA ALA F 129 -1.07 -35.58 -3.45
C ALA F 129 0.28 -36.31 -3.60
N ARG F 130 1.11 -36.23 -2.57
CA ARG F 130 2.40 -36.92 -2.58
C ARG F 130 2.19 -38.43 -2.69
N GLN F 131 1.22 -38.96 -1.94
CA GLN F 131 0.98 -40.40 -1.94
C GLN F 131 0.55 -40.87 -3.32
N GLU F 132 -0.29 -40.08 -3.97
CA GLU F 132 -0.80 -40.46 -5.29
C GLU F 132 0.30 -40.39 -6.34
N TRP F 133 1.10 -39.33 -6.32
CA TRP F 133 2.22 -39.22 -7.24
C TRP F 133 3.21 -40.37 -7.05
N LEU F 134 3.59 -40.63 -5.80
CA LEU F 134 4.54 -41.69 -5.48
C LEU F 134 4.03 -43.09 -5.79
N ALA F 135 2.74 -43.34 -5.54
CA ALA F 135 2.14 -44.65 -5.80
C ALA F 135 2.23 -44.99 -7.27
N GLU F 136 2.03 -43.99 -8.12
CA GLU F 136 2.12 -44.15 -9.55
C GLU F 136 3.52 -44.59 -9.97
N ARG F 137 4.54 -44.00 -9.33
CA ARG F 137 5.92 -44.34 -9.64
C ARG F 137 6.24 -45.75 -9.12
N LEU F 138 5.73 -46.06 -7.93
CA LEU F 138 6.00 -47.34 -7.28
C LEU F 138 5.42 -48.52 -8.07
N ALA F 139 4.33 -48.28 -8.78
CA ALA F 139 3.67 -49.32 -9.58
C ALA F 139 4.53 -49.80 -10.74
N THR F 140 5.57 -49.04 -11.07
CA THR F 140 6.44 -49.42 -12.19
C THR F 140 7.56 -50.37 -11.75
N LEU F 141 7.65 -50.61 -10.44
CA LEU F 141 8.64 -51.54 -9.92
C LEU F 141 8.02 -52.92 -9.74
N ASN F 142 8.84 -53.95 -9.57
CA ASN F 142 8.29 -55.27 -9.30
C ASN F 142 8.14 -55.49 -7.81
N ARG F 143 7.59 -56.63 -7.42
CA ARG F 143 7.32 -56.89 -6.03
C ARG F 143 8.54 -56.98 -5.12
N SER F 144 9.64 -57.53 -5.62
CA SER F 144 10.84 -57.63 -4.83
C SER F 144 11.37 -56.24 -4.51
N GLU F 145 11.33 -55.36 -5.50
CA GLU F 145 11.81 -53.98 -5.36
C GLU F 145 10.98 -53.19 -4.36
N ARG F 146 9.65 -53.34 -4.42
CA ARG F 146 8.78 -52.68 -3.46
C ARG F 146 8.99 -53.19 -2.03
N ASP F 147 9.31 -54.48 -1.91
CA ASP F 147 9.65 -55.07 -0.60
C ASP F 147 10.89 -54.41 -0.02
N ILE F 148 11.89 -54.20 -0.86
CA ILE F 148 13.11 -53.51 -0.45
C ILE F 148 12.77 -52.10 0.05
N LEU F 149 11.95 -51.38 -0.71
CA LEU F 149 11.57 -50.03 -0.32
C LEU F 149 10.72 -49.99 0.95
N ARG F 150 9.91 -51.02 1.14
CA ARG F 150 9.12 -51.14 2.35
C ARG F 150 10.05 -51.28 3.56
N SER F 151 11.04 -52.16 3.47
CA SER F 151 12.03 -52.30 4.53
C SER F 151 12.84 -51.01 4.69
N ALA F 152 13.19 -50.39 3.57
CA ALA F 152 14.00 -49.17 3.58
C ALA F 152 13.28 -47.98 4.22
N ALA F 153 12.00 -47.81 3.92
CA ALA F 153 11.21 -46.73 4.52
C ALA F 153 11.16 -46.85 6.04
N ASP F 154 10.95 -48.06 6.54
CA ASP F 154 10.91 -48.29 7.98
C ASP F 154 12.25 -47.93 8.61
N LEU F 155 13.34 -48.36 7.99
CA LEU F 155 14.67 -48.03 8.48
C LEU F 155 14.93 -46.53 8.48
N MET F 156 14.51 -45.85 7.40
CA MET F 156 14.74 -44.40 7.30
C MET F 156 13.91 -43.63 8.32
N LEU F 157 12.69 -44.09 8.57
CA LEU F 157 11.83 -43.50 9.60
C LEU F 157 12.49 -43.62 10.97
N ALA F 158 13.11 -44.77 11.21
CA ALA F 158 13.83 -45.06 12.44
C ALA F 158 15.06 -44.16 12.61
N LEU F 159 15.69 -43.80 11.49
CA LEU F 159 16.87 -42.94 11.52
C LEU F 159 16.58 -41.58 12.17
N VAL F 160 15.38 -41.04 11.97
CA VAL F 160 14.99 -39.75 12.53
C VAL F 160 14.27 -39.90 13.87
N ASP F 161 14.78 -39.25 14.92
CA ASP F 161 14.14 -39.30 16.25
C ASP F 161 13.01 -38.37 16.63
N GLU F 162 12.27 -37.84 15.68
CA GLU F 162 11.23 -36.90 16.00
C GLU F 162 11.78 -35.70 16.81
#